data_1CEL
#
_entry.id   1CEL
#
_cell.length_a   84.000
_cell.length_b   86.200
_cell.length_c   111.800
_cell.angle_alpha   90.00
_cell.angle_beta   90.00
_cell.angle_gamma   90.00
#
_symmetry.space_group_name_H-M   'P 21 21 2'
#
loop_
_entity.id
_entity.type
_entity.pdbx_description
1 polymer '1,4-BETA-D-GLUCAN CELLOBIOHYDROLASE I'
2 non-polymer 2-acetamido-2-deoxy-beta-D-glucopyranose
3 non-polymer beta-D-glucopyranose
4 non-polymer 'CALCIUM ION'
5 non-polymer '2-IODOBENZYLTHIO GROUP'
6 non-polymer alpha-D-glucopyranose
7 water water
#
_entity_poly.entity_id   1
_entity_poly.type   'polypeptide(L)'
_entity_poly.pdbx_seq_one_letter_code
;(PCA)SACTLQSETHPPLTWQKCSSGGTCTQQTGSVVIDANWRWTHATNSSTNCYDGNTWSSTLCPDNETCAKNCCLDGA
AYASTYGVTTSGNSLSIGFVTQSAQKNVGARLYLMASDTTYQEFTLLGNEFSFDVDVSQLPCGLNGALYFVSMDADGGVS
KYPTNTAGAKYGTGYCDSQCPRDLKFINGQANVEGWEPSSNNANTGIGGHGSCCSEMDIWEANSISEALTPHPCTTVGQE
ICEGDGCGGTYSDNRYGGTCDPDGCDWNPYRLGNTSFYGPGSSFTLDTTKKLTVVTQFETSGAINRYYVQNGVTFQQPNA
ELGSYSGNELNDDYCTAEEAEFGGSSFSDKGGLTQFKKATSGGMVLVMSLWDDYYANMLWLDSTYPTNETSSTPGAVRGS
CSTSSGVPAQVESQSPNAKVTFSNIKFGPIGSTGNPSG
;
_entity_poly.pdbx_strand_id   A,B
#
# COMPACT_ATOMS: atom_id res chain seq x y z
N SER A 2 12.23 -30.68 10.23
CA SER A 2 12.94 -31.66 11.04
C SER A 2 11.97 -32.03 12.16
N ALA A 3 12.41 -32.92 13.03
CA ALA A 3 11.60 -33.36 14.15
C ALA A 3 12.22 -32.93 15.47
N CYS A 4 11.38 -32.61 16.43
CA CYS A 4 11.83 -32.24 17.76
C CYS A 4 11.26 -33.26 18.70
N THR A 5 11.78 -33.28 19.92
CA THR A 5 11.34 -34.24 20.90
C THR A 5 10.89 -33.69 22.27
N LEU A 6 10.41 -32.45 22.31
CA LEU A 6 9.95 -31.87 23.58
C LEU A 6 8.78 -32.68 24.15
N GLN A 7 8.01 -33.29 23.25
CA GLN A 7 6.88 -34.15 23.58
C GLN A 7 7.15 -35.42 22.79
N SER A 8 7.13 -36.56 23.48
CA SER A 8 7.41 -37.83 22.81
C SER A 8 6.35 -38.29 21.80
N GLU A 9 6.79 -39.08 20.83
CA GLU A 9 5.90 -39.59 19.78
C GLU A 9 5.70 -41.11 19.91
N THR A 10 4.52 -41.49 20.36
CA THR A 10 4.18 -42.90 20.51
C THR A 10 2.91 -43.16 19.71
N HIS A 11 3.09 -43.85 18.59
CA HIS A 11 1.97 -44.21 17.70
C HIS A 11 1.07 -45.26 18.34
N PRO A 12 -0.25 -44.98 18.46
CA PRO A 12 -1.17 -45.96 19.08
C PRO A 12 -1.22 -47.19 18.14
N PRO A 13 -1.08 -48.40 18.71
CA PRO A 13 -1.11 -49.64 17.92
C PRO A 13 -2.49 -50.04 17.38
N LEU A 14 -2.52 -50.68 16.22
CA LEU A 14 -3.78 -51.12 15.62
C LEU A 14 -3.51 -52.39 14.83
N THR A 15 -4.25 -53.44 15.15
CA THR A 15 -4.08 -54.70 14.43
C THR A 15 -5.08 -54.77 13.28
N TRP A 16 -4.69 -55.48 12.24
CA TRP A 16 -5.55 -55.68 11.08
C TRP A 16 -5.30 -57.09 10.54
N GLN A 17 -6.09 -57.56 9.58
CA GLN A 17 -5.93 -58.92 9.04
C GLN A 17 -5.56 -58.95 7.57
N LYS A 18 -4.59 -59.79 7.21
CA LYS A 18 -4.23 -59.98 5.82
C LYS A 18 -4.67 -61.40 5.47
N CYS A 19 -5.61 -61.53 4.53
CA CYS A 19 -6.16 -62.82 4.11
C CYS A 19 -5.58 -63.34 2.81
N SER A 20 -5.69 -64.65 2.60
CA SER A 20 -5.14 -65.26 1.39
C SER A 20 -6.20 -66.01 0.60
N SER A 21 -5.89 -66.30 -0.66
CA SER A 21 -6.82 -67.03 -1.53
C SER A 21 -7.09 -68.44 -1.00
N GLY A 22 -6.15 -68.97 -0.22
CA GLY A 22 -6.28 -70.29 0.37
C GLY A 22 -7.29 -70.39 1.50
N GLY A 23 -7.94 -69.27 1.85
CA GLY A 23 -8.95 -69.28 2.88
C GLY A 23 -8.57 -68.96 4.31
N THR A 24 -7.37 -68.48 4.54
CA THR A 24 -6.96 -68.14 5.90
C THR A 24 -6.59 -66.66 6.00
N CYS A 25 -6.75 -66.08 7.19
CA CYS A 25 -6.38 -64.69 7.43
C CYS A 25 -5.41 -64.69 8.60
N THR A 26 -4.48 -63.74 8.59
CA THR A 26 -3.49 -63.65 9.66
C THR A 26 -3.40 -62.24 10.22
N GLN A 27 -3.30 -62.16 11.55
CA GLN A 27 -3.18 -60.88 12.22
C GLN A 27 -1.87 -60.16 11.92
N GLN A 28 -2.00 -58.85 11.69
CA GLN A 28 -0.87 -57.99 11.41
C GLN A 28 -0.91 -56.90 12.48
N THR A 29 0.25 -56.43 12.91
CA THR A 29 0.25 -55.36 13.90
C THR A 29 0.83 -54.10 13.28
N GLY A 30 0.04 -53.04 13.35
CA GLY A 30 0.49 -51.77 12.82
C GLY A 30 0.25 -50.75 13.91
N SER A 31 0.17 -49.49 13.51
CA SER A 31 -0.08 -48.38 14.42
C SER A 31 -0.51 -47.20 13.58
N VAL A 32 -1.01 -46.14 14.21
CA VAL A 32 -1.46 -44.98 13.46
C VAL A 32 -0.66 -43.73 13.80
N VAL A 33 -0.53 -42.83 12.83
CA VAL A 33 0.20 -41.59 13.03
C VAL A 33 -0.65 -40.42 12.57
N ILE A 34 -0.65 -39.34 13.34
CA ILE A 34 -1.41 -38.15 13.00
C ILE A 34 -0.64 -37.25 12.03
N ASP A 35 -1.39 -36.69 11.08
CA ASP A 35 -0.86 -35.79 10.07
C ASP A 35 -0.12 -34.59 10.68
N ALA A 36 0.97 -34.18 10.02
CA ALA A 36 1.81 -33.06 10.42
C ALA A 36 1.10 -31.75 10.71
N ASN A 37 0.03 -31.48 9.96
CA ASN A 37 -0.74 -30.25 10.12
C ASN A 37 -1.34 -30.05 11.50
N TRP A 38 -1.58 -31.15 12.19
CA TRP A 38 -2.14 -31.11 13.53
C TRP A 38 -1.08 -30.93 14.62
N ARG A 39 0.19 -31.05 14.25
CA ARG A 39 1.29 -30.96 15.22
C ARG A 39 1.78 -29.58 15.61
N TRP A 40 2.45 -29.53 16.75
CA TRP A 40 3.05 -28.31 17.25
C TRP A 40 4.32 -28.10 16.41
N THR A 41 4.39 -26.95 15.74
CA THR A 41 5.51 -26.56 14.89
C THR A 41 6.22 -25.40 15.61
N HIS A 42 7.48 -25.62 16.02
CA HIS A 42 8.27 -24.60 16.73
C HIS A 42 9.73 -24.55 16.29
N ALA A 43 10.47 -23.56 16.80
CA ALA A 43 11.88 -23.39 16.47
C ALA A 43 12.70 -24.59 16.97
N THR A 44 13.71 -24.99 16.20
CA THR A 44 14.55 -26.14 16.57
C THR A 44 15.25 -25.99 17.92
N ASN A 45 15.58 -24.75 18.29
CA ASN A 45 16.29 -24.47 19.52
C ASN A 45 15.51 -23.88 20.70
N SER A 46 14.22 -23.66 20.52
CA SER A 46 13.38 -23.12 21.58
C SER A 46 11.94 -23.58 21.41
N SER A 47 11.08 -23.18 22.34
CA SER A 47 9.67 -23.55 22.30
C SER A 47 8.82 -22.50 21.55
N THR A 48 9.48 -21.54 20.91
CA THR A 48 8.82 -20.49 20.15
C THR A 48 8.18 -21.07 18.91
N ASN A 49 6.86 -20.92 18.83
CA ASN A 49 6.08 -21.42 17.71
C ASN A 49 6.44 -20.77 16.36
N CYS A 50 6.48 -21.58 15.31
CA CYS A 50 6.71 -21.11 13.95
C CYS A 50 5.37 -20.78 13.32
N TYR A 51 4.31 -21.34 13.90
CA TYR A 51 2.94 -21.15 13.44
C TYR A 51 2.03 -21.10 14.66
N ASP A 52 1.15 -20.12 14.68
CA ASP A 52 0.20 -19.98 15.77
C ASP A 52 -1.06 -19.35 15.20
N GLY A 53 -2.21 -19.86 15.65
CA GLY A 53 -3.49 -19.40 15.13
C GLY A 53 -3.54 -19.83 13.68
N ASN A 54 -3.54 -18.84 12.78
CA ASN A 54 -3.54 -19.08 11.35
C ASN A 54 -2.49 -18.25 10.62
N THR A 55 -1.44 -17.91 11.36
CA THR A 55 -0.36 -17.10 10.83
C THR A 55 1.00 -17.67 11.19
N TRP A 56 1.95 -17.46 10.28
CA TRP A 56 3.31 -17.91 10.50
C TRP A 56 4.17 -16.82 11.11
N SER A 57 5.19 -17.23 11.88
CA SER A 57 6.15 -16.29 12.47
C SER A 57 6.94 -15.65 11.31
N SER A 58 6.81 -14.34 11.13
CA SER A 58 7.53 -13.66 10.05
C SER A 58 9.05 -13.64 10.21
N THR A 59 9.53 -13.75 11.44
CA THR A 59 10.96 -13.75 11.71
C THR A 59 11.58 -15.13 11.48
N LEU A 60 10.94 -16.19 11.99
CA LEU A 60 11.41 -17.58 11.81
C LEU A 60 11.10 -18.13 10.42
N CYS A 61 10.03 -17.61 9.84
CA CYS A 61 9.58 -18.07 8.53
C CYS A 61 9.35 -17.00 7.47
N PRO A 62 10.42 -16.32 7.01
CA PRO A 62 10.29 -15.27 5.99
C PRO A 62 10.01 -15.86 4.60
N ASP A 63 10.45 -17.10 4.40
CA ASP A 63 10.25 -17.81 3.15
C ASP A 63 10.18 -19.30 3.46
N ASN A 64 9.76 -20.08 2.46
CA ASN A 64 9.59 -21.52 2.58
C ASN A 64 10.82 -22.30 3.03
N GLU A 65 11.98 -21.98 2.46
CA GLU A 65 13.22 -22.67 2.81
C GLU A 65 13.68 -22.40 4.23
N THR A 66 13.82 -21.12 4.57
CA THR A 66 14.28 -20.67 5.88
C THR A 66 13.41 -21.22 6.99
N CYS A 67 12.11 -21.19 6.74
CA CYS A 67 11.13 -21.69 7.68
C CYS A 67 11.40 -23.18 7.96
N ALA A 68 11.57 -23.96 6.90
CA ALA A 68 11.85 -25.40 7.05
C ALA A 68 13.15 -25.64 7.80
N LYS A 69 14.18 -24.80 7.61
CA LYS A 69 15.47 -24.95 8.32
C LYS A 69 15.32 -24.61 9.79
N ASN A 70 14.54 -23.58 10.08
CA ASN A 70 14.35 -23.12 11.46
C ASN A 70 13.33 -23.90 12.28
N CYS A 71 12.40 -24.56 11.59
CA CYS A 71 11.31 -25.23 12.26
C CYS A 71 11.23 -26.74 12.24
N CYS A 72 10.68 -27.27 13.32
CA CYS A 72 10.51 -28.70 13.49
C CYS A 72 9.10 -29.02 13.97
N LEU A 73 8.69 -30.27 13.73
CA LEU A 73 7.40 -30.77 14.15
C LEU A 73 7.69 -31.54 15.42
N ASP A 74 6.74 -31.61 16.34
CA ASP A 74 6.98 -32.34 17.57
C ASP A 74 5.93 -33.44 17.78
N GLY A 75 6.09 -34.23 18.85
CA GLY A 75 5.19 -35.31 19.19
C GLY A 75 3.77 -34.92 19.55
N ALA A 76 2.90 -35.92 19.49
CA ALA A 76 1.48 -35.77 19.73
C ALA A 76 0.94 -36.61 20.86
N ALA A 77 0.15 -36.00 21.73
CA ALA A 77 -0.48 -36.71 22.84
C ALA A 77 -1.81 -37.13 22.23
N TYR A 78 -1.80 -38.29 21.59
CA TYR A 78 -2.96 -38.83 20.89
C TYR A 78 -4.32 -38.78 21.56
N ALA A 79 -4.44 -39.34 22.75
CA ALA A 79 -5.72 -39.32 23.43
C ALA A 79 -6.13 -37.99 24.07
N SER A 80 -5.24 -37.41 24.88
CA SER A 80 -5.52 -36.17 25.59
C SER A 80 -5.68 -34.91 24.73
N THR A 81 -4.91 -34.82 23.65
CA THR A 81 -4.97 -33.66 22.79
C THR A 81 -5.80 -33.88 21.52
N TYR A 82 -5.73 -35.08 20.97
CA TYR A 82 -6.43 -35.36 19.73
C TYR A 82 -7.67 -36.25 19.75
N GLY A 83 -7.97 -36.83 20.91
CA GLY A 83 -9.13 -37.70 21.05
C GLY A 83 -9.06 -38.98 20.22
N VAL A 84 -7.85 -39.44 19.96
CA VAL A 84 -7.62 -40.65 19.17
C VAL A 84 -7.21 -41.78 20.11
N THR A 85 -7.99 -42.85 20.11
CA THR A 85 -7.68 -43.99 20.95
C THR A 85 -7.82 -45.27 20.13
N THR A 86 -7.07 -46.30 20.48
CA THR A 86 -7.17 -47.58 19.76
C THR A 86 -7.30 -48.67 20.81
N SER A 87 -7.93 -49.77 20.44
CA SER A 87 -8.09 -50.91 21.31
C SER A 87 -8.17 -52.14 20.41
N GLY A 88 -7.11 -52.94 20.37
CA GLY A 88 -7.09 -54.10 19.52
C GLY A 88 -7.20 -53.72 18.05
N ASN A 89 -8.29 -54.15 17.40
CA ASN A 89 -8.51 -53.85 15.99
C ASN A 89 -9.44 -52.66 15.79
N SER A 90 -9.65 -51.91 16.87
CA SER A 90 -10.56 -50.79 16.85
C SER A 90 -9.88 -49.43 17.00
N LEU A 91 -10.35 -48.45 16.23
CA LEU A 91 -9.83 -47.08 16.25
C LEU A 91 -10.97 -46.08 16.40
N SER A 92 -10.94 -45.24 17.43
CA SER A 92 -11.96 -44.22 17.61
C SER A 92 -11.36 -42.84 17.46
N ILE A 93 -12.08 -41.97 16.77
CA ILE A 93 -11.64 -40.59 16.60
C ILE A 93 -12.76 -39.70 17.15
N GLY A 94 -12.47 -38.95 18.22
CA GLY A 94 -13.44 -38.03 18.80
C GLY A 94 -13.51 -36.75 17.97
N PHE A 95 -14.63 -36.04 17.98
CA PHE A 95 -14.77 -34.83 17.17
C PHE A 95 -14.05 -33.62 17.76
N VAL A 96 -14.50 -33.15 18.90
CA VAL A 96 -13.86 -32.00 19.52
C VAL A 96 -13.23 -32.44 20.83
N THR A 97 -11.94 -32.13 20.99
CA THR A 97 -11.21 -32.46 22.20
C THR A 97 -10.64 -31.18 22.76
N GLN A 98 -10.99 -30.95 24.01
CA GLN A 98 -10.59 -29.78 24.73
C GLN A 98 -9.52 -30.09 25.77
N SER A 99 -8.30 -29.63 25.53
CA SER A 99 -7.23 -29.84 26.50
C SER A 99 -6.83 -28.41 26.89
N ALA A 100 -5.63 -27.96 26.52
CA ALA A 100 -5.21 -26.57 26.79
C ALA A 100 -5.69 -25.75 25.60
N GLN A 101 -6.05 -26.47 24.54
CA GLN A 101 -6.50 -25.91 23.28
C GLN A 101 -7.70 -26.73 22.82
N LYS A 102 -8.39 -26.22 21.81
CA LYS A 102 -9.52 -26.94 21.24
C LYS A 102 -9.00 -27.59 19.97
N ASN A 103 -9.22 -28.89 19.85
CA ASN A 103 -8.81 -29.64 18.67
C ASN A 103 -10.05 -30.18 17.98
N VAL A 104 -10.09 -30.01 16.67
CA VAL A 104 -11.21 -30.52 15.89
C VAL A 104 -10.72 -31.56 14.90
N GLY A 105 -11.17 -32.80 15.12
CA GLY A 105 -10.83 -33.91 14.23
C GLY A 105 -9.40 -34.39 14.23
N ALA A 106 -9.09 -35.18 13.21
CA ALA A 106 -7.76 -35.76 13.04
C ALA A 106 -7.67 -36.48 11.69
N ARG A 107 -6.48 -36.53 11.11
CA ARG A 107 -6.27 -37.27 9.88
C ARG A 107 -5.11 -38.19 10.24
N LEU A 108 -5.36 -39.50 10.15
CA LEU A 108 -4.39 -40.53 10.52
C LEU A 108 -4.00 -41.50 9.41
N TYR A 109 -2.79 -42.06 9.50
CA TYR A 109 -2.30 -43.03 8.52
C TYR A 109 -1.91 -44.34 9.18
N LEU A 110 -2.08 -45.45 8.46
CA LEU A 110 -1.68 -46.73 9.02
C LEU A 110 -0.21 -46.91 8.69
N MET A 111 0.55 -47.23 9.72
CA MET A 111 1.99 -47.43 9.60
C MET A 111 2.41 -48.88 9.53
N ALA A 112 3.47 -49.14 8.77
CA ALA A 112 4.04 -50.46 8.66
C ALA A 112 5.04 -50.63 9.82
N SER A 113 5.81 -49.57 10.11
CA SER A 113 6.76 -49.57 11.22
C SER A 113 6.68 -48.17 11.82
N ASP A 114 7.48 -47.90 12.84
CA ASP A 114 7.49 -46.59 13.49
C ASP A 114 7.93 -45.45 12.59
N THR A 115 8.59 -45.78 11.49
CA THR A 115 9.11 -44.77 10.59
C THR A 115 8.61 -44.87 9.15
N THR A 116 7.70 -45.80 8.86
CA THR A 116 7.20 -45.96 7.48
C THR A 116 5.70 -46.28 7.42
N TYR A 117 5.07 -45.88 6.32
CA TYR A 117 3.65 -46.15 6.09
C TYR A 117 3.44 -47.51 5.42
N GLN A 118 2.30 -48.11 5.74
CA GLN A 118 1.87 -49.38 5.14
C GLN A 118 1.30 -49.04 3.76
N GLU A 119 1.79 -49.73 2.74
CA GLU A 119 1.30 -49.53 1.39
C GLU A 119 0.43 -50.74 1.02
N PHE A 120 -0.69 -50.49 0.36
CA PHE A 120 -1.61 -51.56 -0.07
C PHE A 120 -1.78 -51.48 -1.58
N THR A 121 -1.72 -52.61 -2.29
CA THR A 121 -1.98 -52.62 -3.72
C THR A 121 -3.40 -53.15 -3.82
N LEU A 122 -4.30 -52.28 -4.26
CA LEU A 122 -5.72 -52.61 -4.32
C LEU A 122 -6.24 -53.49 -5.45
N LEU A 123 -5.72 -53.31 -6.66
CA LEU A 123 -6.18 -54.06 -7.83
C LEU A 123 -6.15 -55.57 -7.62
N GLY A 124 -7.29 -56.20 -7.86
CA GLY A 124 -7.44 -57.63 -7.67
C GLY A 124 -7.72 -58.03 -6.23
N ASN A 125 -7.79 -57.04 -5.35
CA ASN A 125 -8.02 -57.31 -3.95
C ASN A 125 -9.28 -56.64 -3.45
N GLU A 126 -9.60 -56.91 -2.19
CA GLU A 126 -10.76 -56.31 -1.55
C GLU A 126 -10.38 -55.86 -0.14
N PHE A 127 -11.08 -54.82 0.30
CA PHE A 127 -10.86 -54.23 1.60
C PHE A 127 -12.19 -54.24 2.36
N SER A 128 -12.14 -54.74 3.59
CA SER A 128 -13.31 -54.82 4.43
C SER A 128 -13.03 -54.17 5.78
N PHE A 129 -14.03 -53.50 6.34
CA PHE A 129 -13.92 -52.88 7.64
C PHE A 129 -15.30 -52.73 8.24
N ASP A 130 -15.37 -52.64 9.56
CA ASP A 130 -16.63 -52.43 10.26
C ASP A 130 -16.62 -50.96 10.70
N VAL A 131 -17.80 -50.37 10.79
CA VAL A 131 -17.87 -48.97 11.18
C VAL A 131 -19.15 -48.66 11.93
N ASP A 132 -19.00 -47.76 12.88
CA ASP A 132 -20.11 -47.30 13.68
C ASP A 132 -20.20 -45.79 13.40
N VAL A 133 -21.19 -45.40 12.61
CA VAL A 133 -21.43 -44.01 12.25
C VAL A 133 -22.63 -43.41 13.03
N SER A 134 -23.10 -44.12 14.06
CA SER A 134 -24.26 -43.66 14.84
C SER A 134 -24.14 -42.29 15.50
N GLN A 135 -22.92 -41.90 15.84
CA GLN A 135 -22.67 -40.61 16.50
C GLN A 135 -22.22 -39.52 15.55
N LEU A 136 -22.44 -39.71 14.25
CA LEU A 136 -22.07 -38.71 13.26
C LEU A 136 -23.33 -38.08 12.66
N PRO A 137 -23.70 -36.86 13.11
CA PRO A 137 -24.89 -36.19 12.58
C PRO A 137 -24.58 -35.47 11.26
N CYS A 138 -25.58 -34.76 10.71
CA CYS A 138 -25.41 -33.98 9.49
C CYS A 138 -24.23 -33.02 9.63
N GLY A 139 -23.44 -32.84 8.57
CA GLY A 139 -22.32 -31.92 8.65
C GLY A 139 -20.97 -32.54 8.96
N LEU A 140 -20.96 -33.80 9.38
CA LEU A 140 -19.70 -34.49 9.69
C LEU A 140 -19.37 -35.55 8.65
N ASN A 141 -18.09 -35.93 8.60
CA ASN A 141 -17.61 -36.94 7.66
C ASN A 141 -16.52 -37.80 8.30
N GLY A 142 -16.85 -39.07 8.58
CA GLY A 142 -15.87 -40.01 9.11
C GLY A 142 -15.39 -40.68 7.82
N ALA A 143 -14.17 -40.39 7.38
CA ALA A 143 -13.70 -40.96 6.13
C ALA A 143 -12.61 -42.02 6.24
N LEU A 144 -12.67 -43.01 5.35
CA LEU A 144 -11.64 -44.04 5.25
C LEU A 144 -11.37 -44.08 3.75
N TYR A 145 -10.13 -43.80 3.39
CA TYR A 145 -9.74 -43.75 1.98
C TYR A 145 -8.27 -44.05 1.75
N PHE A 146 -7.87 -44.11 0.48
CA PHE A 146 -6.49 -44.42 0.12
C PHE A 146 -5.94 -43.31 -0.77
N VAL A 147 -4.66 -42.95 -0.58
CA VAL A 147 -4.00 -41.93 -1.40
C VAL A 147 -2.63 -42.45 -1.82
N SER A 148 -2.13 -41.98 -2.97
CA SER A 148 -0.83 -42.41 -3.47
C SER A 148 0.36 -41.64 -2.90
N MET A 149 0.57 -41.84 -1.60
CA MET A 149 1.67 -41.23 -0.85
C MET A 149 2.89 -42.15 -0.84
N ASP A 150 4.08 -41.57 -0.65
CA ASP A 150 5.34 -42.33 -0.54
C ASP A 150 5.39 -42.97 0.85
N ALA A 151 6.03 -44.12 0.95
CA ALA A 151 6.15 -44.86 2.20
C ALA A 151 6.94 -44.16 3.29
N ASP A 152 7.88 -43.33 2.87
CA ASP A 152 8.72 -42.63 3.83
C ASP A 152 8.25 -41.21 4.12
N GLY A 153 7.07 -40.85 3.60
CA GLY A 153 6.56 -39.50 3.82
C GLY A 153 7.25 -38.43 2.96
N GLY A 154 8.10 -38.86 2.02
CA GLY A 154 8.81 -37.95 1.14
C GLY A 154 10.29 -37.66 1.43
N VAL A 155 10.82 -38.27 2.48
CA VAL A 155 12.22 -38.08 2.91
C VAL A 155 13.27 -38.31 1.82
N SER A 156 13.11 -39.39 1.04
CA SER A 156 14.09 -39.71 0.01
C SER A 156 14.10 -38.73 -1.14
N LYS A 157 12.99 -38.04 -1.36
CA LYS A 157 12.94 -37.08 -2.45
C LYS A 157 13.24 -35.66 -1.99
N TYR A 158 12.93 -35.36 -0.75
CA TYR A 158 13.09 -34.01 -0.24
C TYR A 158 13.94 -34.06 1.02
N PRO A 159 15.26 -33.89 0.88
CA PRO A 159 16.24 -33.92 1.97
C PRO A 159 16.02 -33.03 3.21
N THR A 160 15.38 -31.89 2.99
CA THR A 160 15.07 -30.96 4.08
C THR A 160 13.92 -31.46 4.95
N ASN A 161 13.27 -32.55 4.50
CA ASN A 161 12.25 -33.19 5.30
C ASN A 161 12.97 -34.33 5.99
N THR A 162 13.26 -34.16 7.27
CA THR A 162 13.89 -35.24 8.01
C THR A 162 12.92 -35.78 9.06
N ALA A 163 11.69 -35.24 9.17
CA ALA A 163 10.70 -35.76 10.13
C ALA A 163 10.07 -37.07 9.61
N GLY A 164 9.71 -37.06 8.33
CA GLY A 164 9.14 -38.22 7.67
C GLY A 164 7.79 -38.75 8.13
N ALA A 165 7.53 -40.01 7.77
CA ALA A 165 6.30 -40.70 8.11
C ALA A 165 6.02 -40.76 9.60
N LYS A 166 7.08 -40.86 10.41
CA LYS A 166 6.97 -40.93 11.87
C LYS A 166 6.19 -39.73 12.43
N TYR A 167 6.30 -38.61 11.74
CA TYR A 167 5.60 -37.38 12.11
C TYR A 167 4.48 -37.01 11.15
N GLY A 168 4.04 -37.98 10.36
CA GLY A 168 2.94 -37.79 9.41
C GLY A 168 3.11 -36.81 8.28
N THR A 169 4.27 -36.82 7.64
CA THR A 169 4.50 -35.91 6.54
C THR A 169 4.20 -36.57 5.19
N GLY A 170 4.10 -35.75 4.15
CA GLY A 170 3.90 -36.26 2.81
C GLY A 170 2.50 -36.41 2.24
N TYR A 171 1.50 -35.92 2.94
CA TYR A 171 0.13 -36.03 2.48
C TYR A 171 -0.15 -35.39 1.13
N CYS A 172 -1.07 -36.01 0.39
CA CYS A 172 -1.51 -35.51 -0.88
C CYS A 172 -2.84 -36.16 -1.14
N ASP A 173 -3.65 -35.49 -1.96
CA ASP A 173 -4.92 -36.05 -2.40
C ASP A 173 -5.40 -35.36 -3.68
N SER A 174 -6.54 -35.80 -4.21
CA SER A 174 -7.06 -35.29 -5.47
C SER A 174 -7.57 -33.85 -5.42
N GLN A 175 -7.71 -33.31 -4.21
CA GLN A 175 -8.14 -31.93 -4.02
C GLN A 175 -6.92 -31.01 -4.19
N CYS A 176 -5.71 -31.61 -4.23
CA CYS A 176 -4.43 -30.89 -4.32
C CYS A 176 -4.44 -29.87 -3.21
N PRO A 177 -4.59 -30.33 -1.95
CA PRO A 177 -4.66 -29.42 -0.79
C PRO A 177 -3.57 -28.37 -0.55
N ARG A 178 -4.01 -27.10 -0.45
CA ARG A 178 -3.12 -25.97 -0.21
C ARG A 178 -3.08 -25.53 1.26
N ASP A 179 -3.82 -26.22 2.11
CA ASP A 179 -3.83 -25.87 3.54
C ASP A 179 -2.67 -26.51 4.32
N LEU A 180 -1.90 -27.33 3.61
CA LEU A 180 -0.76 -28.00 4.20
C LEU A 180 0.36 -27.02 4.55
N LYS A 181 0.89 -27.17 5.75
CA LYS A 181 1.96 -26.30 6.24
C LYS A 181 3.31 -26.64 5.66
N PHE A 182 3.53 -27.92 5.39
CA PHE A 182 4.80 -28.39 4.84
C PHE A 182 4.54 -29.31 3.67
N ILE A 183 5.15 -28.97 2.53
CA ILE A 183 5.01 -29.73 1.31
C ILE A 183 6.40 -29.80 0.67
N ASN A 184 6.83 -31.01 0.34
CA ASN A 184 8.12 -31.23 -0.33
C ASN A 184 9.34 -30.72 0.45
N GLY A 185 9.31 -30.91 1.76
CA GLY A 185 10.42 -30.50 2.60
C GLY A 185 10.55 -29.02 2.86
N GLN A 186 9.56 -28.24 2.45
CA GLN A 186 9.57 -26.80 2.68
C GLN A 186 8.25 -26.37 3.29
N ALA A 187 8.23 -25.21 3.95
CA ALA A 187 6.99 -24.71 4.53
C ALA A 187 6.13 -24.17 3.39
N ASN A 188 4.90 -23.79 3.71
CA ASN A 188 3.98 -23.27 2.70
C ASN A 188 3.62 -21.83 3.10
N VAL A 189 4.58 -21.12 3.69
CA VAL A 189 4.39 -19.74 4.15
C VAL A 189 4.26 -18.72 3.02
N GLU A 190 4.92 -18.94 1.89
CA GLU A 190 4.82 -18.05 0.74
C GLU A 190 3.42 -18.13 0.14
N GLY A 191 2.76 -16.98 0.04
CA GLY A 191 1.42 -16.89 -0.50
C GLY A 191 0.32 -17.25 0.50
N TRP A 192 0.67 -17.44 1.77
CA TRP A 192 -0.29 -17.80 2.80
C TRP A 192 -1.39 -16.79 3.01
N GLU A 193 -2.62 -17.29 2.99
CA GLU A 193 -3.83 -16.51 3.18
C GLU A 193 -4.56 -17.16 4.34
N PRO A 194 -4.70 -16.45 5.48
CA PRO A 194 -5.40 -17.02 6.64
C PRO A 194 -6.88 -17.18 6.27
N SER A 195 -7.55 -18.20 6.82
CA SER A 195 -8.97 -18.39 6.53
C SER A 195 -9.81 -17.37 7.24
N SER A 196 -10.79 -16.86 6.50
CA SER A 196 -11.72 -15.88 7.02
C SER A 196 -12.68 -16.49 8.04
N ASN A 197 -12.91 -17.80 7.95
CA ASN A 197 -13.83 -18.48 8.88
C ASN A 197 -13.19 -19.52 9.80
N ASN A 198 -11.89 -19.70 9.68
CA ASN A 198 -11.21 -20.66 10.53
C ASN A 198 -9.93 -20.05 11.07
N ALA A 199 -9.95 -19.83 12.37
CA ALA A 199 -8.86 -19.25 13.13
C ALA A 199 -7.58 -20.05 13.14
N ASN A 200 -7.64 -21.32 12.72
CA ASN A 200 -6.48 -22.18 12.76
C ASN A 200 -5.92 -22.63 11.43
N THR A 201 -6.56 -22.21 10.35
CA THR A 201 -6.12 -22.66 9.04
C THR A 201 -5.97 -21.54 8.03
N GLY A 202 -5.36 -21.90 6.91
CA GLY A 202 -5.16 -20.98 5.82
C GLY A 202 -4.89 -21.76 4.55
N ILE A 203 -4.59 -21.01 3.50
CA ILE A 203 -4.30 -21.53 2.17
C ILE A 203 -2.94 -20.95 1.76
N GLY A 204 -2.02 -21.82 1.37
CA GLY A 204 -0.70 -21.38 0.96
C GLY A 204 -0.58 -21.27 -0.54
N GLY A 205 0.62 -20.93 -1.02
CA GLY A 205 0.83 -20.80 -2.44
C GLY A 205 1.07 -22.08 -3.21
N HIS A 206 1.25 -23.19 -2.49
CA HIS A 206 1.49 -24.48 -3.11
C HIS A 206 0.57 -25.56 -2.55
N GLY A 207 0.28 -26.59 -3.36
CA GLY A 207 -0.58 -27.68 -2.92
C GLY A 207 0.08 -29.02 -3.19
N SER A 208 -0.52 -30.11 -2.69
CA SER A 208 0.04 -31.45 -2.89
C SER A 208 -0.99 -32.40 -3.49
N CYS A 209 -0.78 -32.76 -4.76
CA CYS A 209 -1.71 -33.64 -5.48
C CYS A 209 -1.31 -35.10 -5.60
N CYS A 210 -2.33 -35.96 -5.69
CA CYS A 210 -2.18 -37.39 -5.98
C CYS A 210 -3.52 -38.10 -6.06
N SER A 211 -3.49 -39.30 -6.65
CA SER A 211 -4.67 -40.13 -6.82
C SER A 211 -5.27 -40.47 -5.47
N GLU A 212 -6.58 -40.60 -5.47
CA GLU A 212 -7.32 -40.85 -4.25
C GLU A 212 -8.51 -41.77 -4.47
N MET A 213 -8.62 -42.77 -3.60
CA MET A 213 -9.72 -43.73 -3.63
C MET A 213 -10.52 -43.56 -2.36
N ASP A 214 -11.65 -42.88 -2.46
CA ASP A 214 -12.50 -42.69 -1.30
C ASP A 214 -13.45 -43.84 -1.16
N ILE A 215 -13.04 -44.81 -0.36
CA ILE A 215 -13.84 -45.98 -0.10
C ILE A 215 -15.06 -45.61 0.75
N TRP A 216 -14.88 -44.68 1.68
CA TRP A 216 -15.96 -44.33 2.58
C TRP A 216 -15.93 -42.88 3.06
N GLU A 217 -16.95 -42.13 2.68
CA GLU A 217 -17.10 -40.75 3.13
C GLU A 217 -18.54 -40.83 3.59
N ALA A 218 -18.75 -40.70 4.90
CA ALA A 218 -20.08 -40.89 5.46
C ALA A 218 -20.35 -40.35 6.84
N ASN A 219 -21.64 -40.35 7.18
CA ASN A 219 -22.15 -40.02 8.50
C ASN A 219 -23.37 -40.93 8.67
N SER A 220 -24.22 -40.71 9.66
CA SER A 220 -25.40 -41.56 9.85
C SER A 220 -26.53 -41.31 8.81
N ILE A 221 -26.39 -40.28 7.98
CA ILE A 221 -27.40 -39.92 6.98
C ILE A 221 -27.08 -40.37 5.54
N SER A 222 -25.86 -40.14 5.08
CA SER A 222 -25.47 -40.52 3.73
C SER A 222 -24.05 -41.08 3.66
N GLU A 223 -23.76 -41.78 2.57
CA GLU A 223 -22.45 -42.36 2.31
C GLU A 223 -22.14 -42.38 0.82
N ALA A 224 -20.86 -42.20 0.48
CA ALA A 224 -20.42 -42.18 -0.90
C ALA A 224 -19.11 -42.92 -1.11
N LEU A 225 -18.99 -43.52 -2.29
CA LEU A 225 -17.82 -44.29 -2.72
C LEU A 225 -17.33 -43.52 -3.94
N THR A 226 -16.07 -43.08 -3.94
CA THR A 226 -15.60 -42.23 -5.03
C THR A 226 -14.14 -42.31 -5.48
N PRO A 227 -13.87 -42.79 -6.69
CA PRO A 227 -12.50 -42.86 -7.20
C PRO A 227 -12.18 -41.49 -7.86
N HIS A 228 -10.93 -41.02 -7.69
CA HIS A 228 -10.44 -39.74 -8.29
C HIS A 228 -9.12 -39.89 -9.01
N PRO A 229 -9.13 -39.90 -10.35
CA PRO A 229 -7.85 -40.02 -11.06
C PRO A 229 -7.11 -38.69 -11.11
N CYS A 230 -5.82 -38.78 -11.41
CA CYS A 230 -4.95 -37.63 -11.61
C CYS A 230 -4.04 -38.04 -12.77
N THR A 231 -3.65 -37.06 -13.58
CA THR A 231 -2.76 -37.31 -14.72
C THR A 231 -1.35 -37.76 -14.28
N THR A 232 -0.96 -37.40 -13.06
CA THR A 232 0.28 -37.84 -12.44
C THR A 232 -0.25 -38.63 -11.26
N VAL A 233 0.03 -39.93 -11.24
CA VAL A 233 -0.49 -40.82 -10.22
C VAL A 233 -0.10 -40.52 -8.77
N GLY A 234 1.21 -40.35 -8.57
CA GLY A 234 1.75 -40.08 -7.25
C GLY A 234 1.80 -38.62 -6.84
N GLN A 235 2.36 -38.40 -5.65
CA GLN A 235 2.48 -37.08 -5.05
C GLN A 235 3.29 -36.11 -5.89
N GLU A 236 2.70 -34.94 -6.11
CA GLU A 236 3.33 -33.91 -6.90
C GLU A 236 2.83 -32.54 -6.45
N ILE A 237 3.76 -31.63 -6.23
CA ILE A 237 3.43 -30.28 -5.82
C ILE A 237 2.79 -29.50 -6.99
N CYS A 238 1.86 -28.60 -6.65
CA CYS A 238 1.19 -27.74 -7.64
C CYS A 238 1.36 -26.29 -7.16
N GLU A 239 1.12 -25.33 -8.04
CA GLU A 239 1.31 -23.93 -7.68
C GLU A 239 0.10 -23.06 -7.93
N GLY A 240 -0.37 -22.41 -6.87
CA GLY A 240 -1.49 -21.49 -6.95
C GLY A 240 -2.77 -22.07 -7.51
N ASP A 241 -3.36 -21.32 -8.44
CA ASP A 241 -4.62 -21.69 -9.10
C ASP A 241 -4.48 -22.86 -10.08
N GLY A 242 -3.23 -23.20 -10.40
CA GLY A 242 -2.92 -24.31 -11.29
C GLY A 242 -3.14 -25.61 -10.53
N CYS A 243 -3.37 -25.49 -9.23
CA CYS A 243 -3.66 -26.64 -8.39
C CYS A 243 -5.08 -27.16 -8.67
N GLY A 244 -6.01 -26.26 -8.98
CA GLY A 244 -7.40 -26.67 -9.19
C GLY A 244 -7.99 -26.95 -7.82
N GLY A 245 -9.10 -27.67 -7.74
CA GLY A 245 -9.69 -27.96 -6.45
C GLY A 245 -10.53 -26.81 -5.95
N THR A 246 -10.89 -26.91 -4.68
CA THR A 246 -11.73 -25.96 -3.99
C THR A 246 -11.27 -24.51 -3.82
N TYR A 247 -10.00 -24.34 -3.49
CA TYR A 247 -9.49 -22.99 -3.28
C TYR A 247 -8.68 -22.37 -4.41
N SER A 248 -9.05 -22.70 -5.63
CA SER A 248 -8.40 -22.19 -6.83
C SER A 248 -9.45 -21.63 -7.78
N ASP A 249 -9.05 -20.65 -8.58
CA ASP A 249 -9.96 -20.00 -9.52
C ASP A 249 -10.61 -20.90 -10.57
N ASN A 250 -9.88 -21.90 -11.07
CA ASN A 250 -10.43 -22.86 -12.03
C ASN A 250 -10.32 -24.20 -11.34
N ARG A 251 -11.46 -24.66 -10.84
CA ARG A 251 -11.59 -25.91 -10.12
C ARG A 251 -11.10 -27.11 -10.92
N TYR A 252 -11.30 -27.05 -12.23
CA TYR A 252 -10.92 -28.14 -13.11
C TYR A 252 -9.67 -27.87 -13.91
N GLY A 253 -8.90 -26.87 -13.48
CA GLY A 253 -7.66 -26.51 -14.17
C GLY A 253 -6.42 -27.30 -13.80
N GLY A 254 -6.45 -28.01 -12.68
CA GLY A 254 -5.30 -28.77 -12.23
C GLY A 254 -5.13 -30.15 -12.88
N THR A 255 -4.26 -30.95 -12.29
CA THR A 255 -3.94 -32.29 -12.78
C THR A 255 -4.82 -33.40 -12.23
N CYS A 256 -5.59 -33.09 -11.19
CA CYS A 256 -6.45 -34.08 -10.57
C CYS A 256 -7.94 -33.79 -10.77
N ASP A 257 -8.75 -34.82 -10.59
CA ASP A 257 -10.19 -34.71 -10.69
C ASP A 257 -10.68 -34.53 -9.25
N PRO A 258 -11.17 -33.33 -8.89
CA PRO A 258 -11.65 -33.09 -7.52
C PRO A 258 -13.06 -33.60 -7.21
N ASP A 259 -13.81 -33.95 -8.27
CA ASP A 259 -15.17 -34.43 -8.12
C ASP A 259 -15.27 -35.94 -7.94
N GLY A 260 -14.65 -36.66 -8.87
CA GLY A 260 -14.68 -38.12 -8.88
C GLY A 260 -15.94 -38.71 -9.50
N CYS A 261 -15.94 -40.03 -9.70
CA CYS A 261 -17.13 -40.71 -10.22
C CYS A 261 -17.70 -41.28 -8.94
N ASP A 262 -18.61 -40.55 -8.32
CA ASP A 262 -19.16 -40.94 -7.05
C ASP A 262 -20.40 -41.82 -7.07
N TRP A 263 -20.54 -42.66 -6.05
CA TRP A 263 -21.70 -43.51 -5.92
C TRP A 263 -22.30 -43.33 -4.53
N ASN A 264 -23.42 -42.61 -4.46
CA ASN A 264 -24.14 -42.37 -3.22
C ASN A 264 -25.53 -42.94 -3.51
N PRO A 265 -25.94 -44.01 -2.79
CA PRO A 265 -27.24 -44.67 -2.99
C PRO A 265 -28.45 -43.74 -2.93
N TYR A 266 -28.42 -42.78 -2.01
CA TYR A 266 -29.49 -41.81 -1.86
C TYR A 266 -29.55 -40.89 -3.09
N ARG A 267 -28.40 -40.38 -3.52
CA ARG A 267 -28.31 -39.51 -4.68
C ARG A 267 -28.78 -40.21 -5.96
N LEU A 268 -28.62 -41.53 -6.00
CA LEU A 268 -29.04 -42.29 -7.17
C LEU A 268 -30.51 -42.73 -7.14
N GLY A 269 -31.24 -42.36 -6.09
CA GLY A 269 -32.65 -42.70 -6.03
C GLY A 269 -33.20 -43.62 -4.95
N ASN A 270 -32.34 -44.39 -4.29
CA ASN A 270 -32.82 -45.28 -3.25
C ASN A 270 -32.69 -44.57 -1.90
N THR A 271 -33.76 -43.91 -1.50
CA THR A 271 -33.77 -43.14 -0.25
C THR A 271 -34.10 -43.97 0.99
N SER A 272 -34.28 -45.28 0.81
CA SER A 272 -34.61 -46.17 1.92
C SER A 272 -33.51 -47.15 2.27
N PHE A 273 -32.38 -47.10 1.57
CA PHE A 273 -31.30 -48.05 1.83
C PHE A 273 -30.41 -47.83 3.05
N TYR A 274 -29.94 -46.60 3.24
CA TYR A 274 -29.00 -46.29 4.32
C TYR A 274 -29.50 -45.12 5.15
N GLY A 275 -29.67 -45.36 6.45
CA GLY A 275 -30.16 -44.30 7.30
C GLY A 275 -30.40 -44.74 8.71
N PRO A 276 -30.73 -43.78 9.60
CA PRO A 276 -30.98 -44.05 11.02
C PRO A 276 -32.31 -44.71 11.31
N GLY A 277 -32.26 -45.93 11.82
CA GLY A 277 -33.47 -46.62 12.16
C GLY A 277 -33.83 -47.83 11.33
N SER A 278 -34.81 -48.56 11.87
CA SER A 278 -35.33 -49.78 11.29
C SER A 278 -36.04 -49.65 9.93
N SER A 279 -36.46 -48.44 9.56
CA SER A 279 -37.13 -48.20 8.28
C SER A 279 -36.14 -48.11 7.11
N PHE A 280 -34.87 -48.36 7.39
CA PHE A 280 -33.84 -48.35 6.35
C PHE A 280 -33.28 -49.77 6.27
N THR A 281 -32.80 -50.17 5.09
CA THR A 281 -32.22 -51.49 4.85
C THR A 281 -31.03 -51.68 5.79
N LEU A 282 -30.15 -50.67 5.78
CA LEU A 282 -28.97 -50.62 6.66
C LEU A 282 -29.28 -49.54 7.68
N ASP A 283 -29.36 -49.95 8.93
CA ASP A 283 -29.67 -49.08 10.06
C ASP A 283 -28.36 -48.51 10.63
N THR A 284 -28.12 -47.21 10.39
CA THR A 284 -26.91 -46.54 10.84
C THR A 284 -26.75 -46.31 12.35
N THR A 285 -27.74 -46.72 13.14
CA THR A 285 -27.61 -46.59 14.59
C THR A 285 -26.87 -47.85 15.12
N LYS A 286 -26.61 -48.80 14.23
CA LYS A 286 -25.92 -50.05 14.56
C LYS A 286 -24.68 -50.21 13.69
N LYS A 287 -23.74 -51.02 14.13
CA LYS A 287 -22.52 -51.25 13.36
C LYS A 287 -22.80 -52.01 12.05
N LEU A 288 -21.96 -51.76 11.05
CA LEU A 288 -22.06 -52.43 9.76
C LEU A 288 -20.68 -52.68 9.12
N THR A 289 -20.64 -53.72 8.28
CA THR A 289 -19.44 -54.12 7.55
C THR A 289 -19.57 -53.60 6.12
N VAL A 290 -18.47 -53.05 5.63
CA VAL A 290 -18.42 -52.47 4.29
C VAL A 290 -17.30 -53.18 3.54
N VAL A 291 -17.63 -53.82 2.43
CA VAL A 291 -16.65 -54.55 1.62
C VAL A 291 -16.55 -53.94 0.23
N THR A 292 -15.33 -53.65 -0.21
CA THR A 292 -15.08 -53.03 -1.49
C THR A 292 -14.07 -53.84 -2.28
N GLN A 293 -14.49 -54.26 -3.47
CA GLN A 293 -13.72 -55.12 -4.35
C GLN A 293 -13.22 -54.41 -5.59
N PHE A 294 -11.93 -54.55 -5.86
CA PHE A 294 -11.31 -53.91 -7.01
C PHE A 294 -10.94 -54.93 -8.06
N GLU A 295 -11.82 -55.16 -9.03
CA GLU A 295 -11.52 -56.15 -10.04
C GLU A 295 -10.52 -55.67 -11.07
N THR A 296 -9.83 -56.61 -11.68
CA THR A 296 -8.83 -56.31 -12.68
C THR A 296 -9.30 -55.53 -13.91
N SER A 297 -10.61 -55.47 -14.14
CA SER A 297 -11.12 -54.72 -15.30
C SER A 297 -11.04 -53.22 -15.02
N GLY A 298 -10.91 -52.87 -13.74
CA GLY A 298 -10.88 -51.47 -13.31
C GLY A 298 -12.17 -51.08 -12.61
N ALA A 299 -13.18 -51.95 -12.67
CA ALA A 299 -14.47 -51.70 -12.03
C ALA A 299 -14.44 -51.94 -10.54
N ILE A 300 -15.39 -51.35 -9.82
CA ILE A 300 -15.45 -51.49 -8.38
C ILE A 300 -16.81 -52.04 -7.91
N ASN A 301 -16.75 -53.07 -7.07
CA ASN A 301 -17.95 -53.68 -6.53
C ASN A 301 -18.04 -53.46 -5.04
N ARG A 302 -19.26 -53.52 -4.52
CA ARG A 302 -19.53 -53.24 -3.13
C ARG A 302 -20.70 -54.02 -2.55
N TYR A 303 -20.50 -54.56 -1.36
CA TYR A 303 -21.56 -55.23 -0.64
C TYR A 303 -21.39 -54.87 0.84
N TYR A 304 -22.48 -54.99 1.59
CA TYR A 304 -22.50 -54.63 3.00
C TYR A 304 -23.04 -55.80 3.78
N VAL A 305 -22.70 -55.87 5.07
CA VAL A 305 -23.23 -56.91 5.93
C VAL A 305 -23.65 -56.27 7.25
N GLN A 306 -24.88 -56.57 7.67
CA GLN A 306 -25.37 -56.06 8.95
C GLN A 306 -26.21 -57.17 9.58
N ASN A 307 -25.87 -57.53 10.81
CA ASN A 307 -26.56 -58.58 11.54
C ASN A 307 -26.57 -59.91 10.77
N GLY A 308 -25.45 -60.18 10.11
CA GLY A 308 -25.30 -61.39 9.34
C GLY A 308 -26.00 -61.43 7.99
N VAL A 309 -26.72 -60.38 7.63
CA VAL A 309 -27.42 -60.33 6.35
C VAL A 309 -26.61 -59.49 5.36
N THR A 310 -26.41 -60.04 4.15
CA THR A 310 -25.65 -59.40 3.11
C THR A 310 -26.54 -58.67 2.14
N PHE A 311 -26.11 -57.48 1.77
CA PHE A 311 -26.81 -56.64 0.83
C PHE A 311 -25.81 -56.11 -0.19
N GLN A 312 -25.99 -56.47 -1.45
CA GLN A 312 -25.13 -55.95 -2.51
C GLN A 312 -25.48 -54.45 -2.63
N GLN A 313 -24.58 -53.65 -3.21
CA GLN A 313 -24.84 -52.24 -3.47
C GLN A 313 -26.20 -52.24 -4.22
N PRO A 314 -27.14 -51.35 -3.86
CA PRO A 314 -28.42 -51.36 -4.57
C PRO A 314 -28.37 -50.90 -6.02
N ASN A 315 -29.25 -51.48 -6.81
CA ASN A 315 -29.34 -51.16 -8.21
C ASN A 315 -29.72 -49.72 -8.42
N ALA A 316 -29.13 -49.18 -9.47
CA ALA A 316 -29.37 -47.81 -9.91
C ALA A 316 -29.63 -47.83 -11.39
N GLU A 317 -30.48 -46.92 -11.82
CA GLU A 317 -30.82 -46.72 -13.22
C GLU A 317 -30.52 -45.26 -13.46
N LEU A 318 -29.58 -45.00 -14.36
CA LEU A 318 -29.12 -43.66 -14.64
C LEU A 318 -28.88 -43.57 -16.14
N GLY A 319 -29.85 -43.01 -16.85
CA GLY A 319 -29.77 -42.91 -18.29
C GLY A 319 -29.84 -44.30 -18.86
N SER A 320 -28.83 -44.63 -19.66
CA SER A 320 -28.70 -45.92 -20.29
C SER A 320 -28.04 -46.97 -19.38
N TYR A 321 -27.67 -46.59 -18.16
CA TYR A 321 -27.05 -47.53 -17.23
C TYR A 321 -28.03 -48.12 -16.23
N SER A 322 -27.84 -49.42 -15.97
CA SER A 322 -28.63 -50.16 -14.99
C SER A 322 -27.66 -51.16 -14.36
N GLY A 323 -27.61 -51.20 -13.03
CA GLY A 323 -26.71 -52.11 -12.35
C GLY A 323 -26.27 -51.59 -10.99
N ASN A 324 -25.37 -52.34 -10.37
CA ASN A 324 -24.86 -51.98 -9.07
C ASN A 324 -23.33 -51.96 -9.00
N GLU A 325 -22.69 -51.94 -10.16
CA GLU A 325 -21.23 -51.94 -10.25
C GLU A 325 -20.70 -50.58 -10.71
N LEU A 326 -19.72 -50.05 -10.00
CA LEU A 326 -19.13 -48.77 -10.40
C LEU A 326 -18.15 -49.10 -11.54
N ASN A 327 -18.59 -48.91 -12.78
CA ASN A 327 -17.78 -49.21 -13.96
C ASN A 327 -17.79 -48.04 -14.95
N ASP A 328 -17.10 -48.21 -16.08
CA ASP A 328 -17.02 -47.18 -17.11
C ASP A 328 -18.39 -46.68 -17.56
N ASP A 329 -19.34 -47.59 -17.73
CA ASP A 329 -20.68 -47.21 -18.19
C ASP A 329 -21.38 -46.34 -17.17
N TYR A 330 -21.21 -46.69 -15.90
CA TYR A 330 -21.81 -45.91 -14.82
C TYR A 330 -21.22 -44.50 -14.81
N CYS A 331 -19.89 -44.39 -14.85
CA CYS A 331 -19.25 -43.07 -14.83
C CYS A 331 -19.58 -42.16 -16.01
N THR A 332 -19.82 -42.76 -17.16
CA THR A 332 -20.17 -42.04 -18.37
C THR A 332 -21.62 -41.55 -18.31
N ALA A 333 -22.51 -42.41 -17.81
CA ALA A 333 -23.91 -42.07 -17.65
C ALA A 333 -24.07 -40.97 -16.62
N GLU A 334 -23.26 -41.05 -15.56
CA GLU A 334 -23.30 -40.06 -14.48
C GLU A 334 -23.00 -38.67 -15.02
N GLU A 335 -21.95 -38.57 -15.83
CA GLU A 335 -21.58 -37.30 -16.42
C GLU A 335 -22.66 -36.79 -17.37
N ALA A 336 -23.29 -37.71 -18.11
CA ALA A 336 -24.35 -37.38 -19.06
C ALA A 336 -25.61 -36.89 -18.37
N GLU A 337 -25.97 -37.52 -17.26
CA GLU A 337 -27.18 -37.16 -16.54
C GLU A 337 -27.06 -36.05 -15.50
N PHE A 338 -25.96 -36.06 -14.75
CA PHE A 338 -25.71 -35.08 -13.69
C PHE A 338 -24.80 -33.93 -14.14
N GLY A 339 -24.07 -34.10 -15.25
CA GLY A 339 -23.15 -33.06 -15.70
C GLY A 339 -21.68 -33.25 -15.33
N GLY A 340 -20.82 -32.48 -15.98
CA GLY A 340 -19.40 -32.56 -15.71
C GLY A 340 -18.62 -33.44 -16.67
N SER A 341 -17.30 -33.23 -16.70
CA SER A 341 -16.42 -34.02 -17.56
C SER A 341 -15.06 -34.22 -16.90
N SER A 342 -14.94 -33.79 -15.65
CA SER A 342 -13.69 -33.88 -14.90
C SER A 342 -13.11 -35.30 -14.77
N PHE A 343 -13.94 -36.25 -14.35
CA PHE A 343 -13.52 -37.64 -14.19
C PHE A 343 -13.00 -38.20 -15.50
N SER A 344 -13.78 -38.03 -16.57
CA SER A 344 -13.38 -38.53 -17.89
C SER A 344 -12.17 -37.79 -18.45
N ASP A 345 -12.09 -36.48 -18.22
CA ASP A 345 -10.96 -35.68 -18.72
C ASP A 345 -9.65 -36.11 -18.06
N LYS A 346 -9.73 -36.63 -16.84
CA LYS A 346 -8.55 -37.09 -16.11
C LYS A 346 -8.17 -38.53 -16.42
N GLY A 347 -8.92 -39.14 -17.34
CA GLY A 347 -8.63 -40.50 -17.76
C GLY A 347 -9.55 -41.61 -17.29
N GLY A 348 -10.52 -41.25 -16.46
CA GLY A 348 -11.48 -42.21 -15.94
C GLY A 348 -10.91 -43.37 -15.15
N LEU A 349 -11.58 -44.51 -15.25
CA LEU A 349 -11.18 -45.71 -14.53
C LEU A 349 -9.90 -46.34 -15.07
N THR A 350 -9.56 -46.07 -16.32
CA THR A 350 -8.34 -46.58 -16.94
C THR A 350 -7.12 -45.93 -16.27
N GLN A 351 -7.16 -44.60 -16.13
CA GLN A 351 -6.07 -43.87 -15.48
C GLN A 351 -6.04 -44.20 -13.98
N PHE A 352 -7.23 -44.40 -13.40
CA PHE A 352 -7.30 -44.74 -11.99
C PHE A 352 -6.69 -46.09 -11.71
N LYS A 353 -6.72 -46.98 -12.70
CA LYS A 353 -6.16 -48.31 -12.54
C LYS A 353 -4.66 -48.24 -12.26
N LYS A 354 -3.99 -47.20 -12.79
CA LYS A 354 -2.56 -47.00 -12.57
C LYS A 354 -2.26 -46.74 -11.09
N ALA A 355 -3.22 -46.13 -10.40
CA ALA A 355 -3.09 -45.87 -8.98
C ALA A 355 -3.29 -47.14 -8.16
N THR A 356 -4.37 -47.87 -8.43
CA THR A 356 -4.67 -49.11 -7.68
C THR A 356 -3.70 -50.24 -7.95
N SER A 357 -3.01 -50.17 -9.08
CA SER A 357 -2.00 -51.15 -9.44
C SER A 357 -0.74 -50.90 -8.62
N GLY A 358 -0.61 -49.69 -8.09
CA GLY A 358 0.54 -49.32 -7.29
C GLY A 358 0.19 -49.30 -5.81
N GLY A 359 1.13 -48.84 -4.99
CA GLY A 359 0.89 -48.77 -3.56
C GLY A 359 0.16 -47.51 -3.18
N MET A 360 -0.74 -47.64 -2.21
CA MET A 360 -1.52 -46.53 -1.68
C MET A 360 -1.55 -46.65 -0.16
N VAL A 361 -1.60 -45.51 0.52
CA VAL A 361 -1.62 -45.46 1.99
C VAL A 361 -3.05 -45.31 2.53
N LEU A 362 -3.37 -46.04 3.60
CA LEU A 362 -4.68 -45.98 4.25
C LEU A 362 -4.77 -44.77 5.16
N VAL A 363 -5.82 -43.98 4.95
CA VAL A 363 -6.11 -42.78 5.75
C VAL A 363 -7.48 -42.92 6.42
N MET A 364 -7.54 -42.54 7.70
CA MET A 364 -8.79 -42.52 8.45
C MET A 364 -8.91 -41.14 9.06
N SER A 365 -10.05 -40.49 8.86
CA SER A 365 -10.24 -39.13 9.35
C SER A 365 -11.64 -38.81 9.82
N LEU A 366 -11.75 -37.67 10.51
CA LEU A 366 -13.01 -37.15 10.98
C LEU A 366 -12.88 -35.65 10.80
N TRP A 367 -13.79 -35.10 10.02
CA TRP A 367 -13.78 -33.67 9.73
C TRP A 367 -15.13 -33.05 9.47
N ASP A 368 -15.16 -31.73 9.66
CA ASP A 368 -16.31 -30.91 9.31
C ASP A 368 -15.78 -30.05 8.18
N ASP A 369 -16.70 -29.45 7.44
CA ASP A 369 -16.40 -28.74 6.21
C ASP A 369 -16.60 -27.22 6.24
N TYR A 370 -15.49 -26.48 6.31
CA TYR A 370 -15.52 -25.02 6.32
C TYR A 370 -15.82 -24.39 4.96
N TYR A 371 -15.80 -25.19 3.90
CA TYR A 371 -16.10 -24.67 2.58
C TYR A 371 -17.55 -24.83 2.15
N ALA A 372 -18.07 -26.06 2.20
CA ALA A 372 -19.43 -26.33 1.76
C ALA A 372 -20.37 -27.02 2.75
N ASN A 373 -20.00 -26.97 4.03
CA ASN A 373 -20.78 -27.52 5.14
C ASN A 373 -21.25 -28.99 5.02
N MET A 374 -20.53 -29.77 4.22
CA MET A 374 -20.83 -31.20 3.95
C MET A 374 -22.14 -31.39 3.20
N LEU A 375 -22.66 -30.32 2.60
CA LEU A 375 -23.92 -30.36 1.86
C LEU A 375 -23.87 -31.29 0.65
N TRP A 376 -22.69 -31.33 0.01
CA TRP A 376 -22.43 -32.18 -1.15
C TRP A 376 -22.60 -33.65 -0.80
N LEU A 377 -22.48 -33.98 0.49
CA LEU A 377 -22.62 -35.37 0.94
C LEU A 377 -24.01 -35.75 1.42
N ASP A 378 -24.59 -34.91 2.25
CA ASP A 378 -25.86 -35.26 2.87
C ASP A 378 -27.06 -34.34 2.71
N SER A 379 -27.02 -33.41 1.76
CA SER A 379 -28.12 -32.45 1.61
C SER A 379 -28.35 -32.18 0.12
N THR A 380 -29.00 -31.06 -0.21
CA THR A 380 -29.22 -30.68 -1.60
C THR A 380 -28.08 -29.72 -1.93
N TYR A 381 -27.33 -29.98 -3.00
CA TYR A 381 -26.21 -29.14 -3.35
C TYR A 381 -26.08 -29.02 -4.87
N PRO A 382 -26.01 -27.79 -5.40
CA PRO A 382 -26.03 -26.51 -4.68
C PRO A 382 -27.39 -26.29 -3.98
N THR A 383 -27.43 -25.41 -2.99
CA THR A 383 -28.64 -25.17 -2.20
C THR A 383 -29.80 -24.48 -2.90
N ASN A 384 -29.52 -23.87 -4.04
CA ASN A 384 -30.55 -23.20 -4.82
C ASN A 384 -31.30 -24.21 -5.71
N GLU A 385 -30.74 -25.41 -5.79
CA GLU A 385 -31.34 -26.47 -6.59
C GLU A 385 -32.53 -27.12 -5.94
N THR A 386 -33.29 -27.79 -6.79
CA THR A 386 -34.49 -28.51 -6.42
C THR A 386 -34.28 -30.02 -6.58
N SER A 387 -35.24 -30.80 -6.09
CA SER A 387 -35.19 -32.26 -6.21
C SER A 387 -35.40 -32.65 -7.69
N SER A 388 -35.93 -31.71 -8.48
CA SER A 388 -36.17 -31.93 -9.91
C SER A 388 -34.87 -31.87 -10.71
N THR A 389 -33.81 -31.33 -10.10
CA THR A 389 -32.53 -31.26 -10.77
C THR A 389 -31.81 -32.58 -10.53
N PRO A 390 -31.42 -33.28 -11.61
CA PRO A 390 -30.73 -34.58 -11.51
C PRO A 390 -29.47 -34.55 -10.68
N GLY A 391 -29.51 -35.36 -9.63
CA GLY A 391 -28.38 -35.47 -8.73
C GLY A 391 -28.23 -34.37 -7.69
N ALA A 392 -29.21 -33.46 -7.57
CA ALA A 392 -29.10 -32.39 -6.59
C ALA A 392 -29.25 -32.85 -5.15
N VAL A 393 -30.15 -33.80 -4.91
CA VAL A 393 -30.40 -34.27 -3.56
C VAL A 393 -29.51 -35.46 -3.21
N ARG A 394 -28.66 -35.28 -2.20
CA ARG A 394 -27.72 -36.33 -1.81
C ARG A 394 -28.01 -36.96 -0.44
N GLY A 395 -28.92 -36.33 0.29
CA GLY A 395 -29.31 -36.81 1.60
C GLY A 395 -30.47 -35.98 2.14
N SER A 396 -30.93 -36.31 3.35
CA SER A 396 -32.05 -35.61 3.96
C SER A 396 -31.74 -34.43 4.89
N CYS A 397 -30.47 -34.07 5.06
CA CYS A 397 -30.10 -32.95 5.91
C CYS A 397 -30.55 -31.63 5.33
N SER A 398 -30.87 -30.68 6.20
CA SER A 398 -31.31 -29.35 5.77
C SER A 398 -30.13 -28.64 5.09
N THR A 399 -30.42 -27.78 4.12
CA THR A 399 -29.36 -27.02 3.46
C THR A 399 -28.74 -25.97 4.42
N SER A 400 -29.29 -25.85 5.63
CA SER A 400 -28.79 -24.92 6.65
C SER A 400 -27.90 -25.68 7.65
N SER A 401 -27.71 -26.98 7.43
CA SER A 401 -26.90 -27.79 8.33
C SER A 401 -25.42 -27.78 8.04
N GLY A 402 -24.66 -28.27 9.00
CA GLY A 402 -23.22 -28.37 8.82
C GLY A 402 -22.33 -27.17 9.09
N VAL A 403 -22.86 -26.07 9.62
CA VAL A 403 -22.05 -24.90 9.94
C VAL A 403 -21.05 -25.40 10.99
N PRO A 404 -19.75 -25.32 10.69
CA PRO A 404 -18.70 -25.79 11.63
C PRO A 404 -18.78 -25.33 13.07
N ALA A 405 -18.90 -24.02 13.33
CA ALA A 405 -18.99 -23.53 14.70
C ALA A 405 -20.20 -24.09 15.42
N GLN A 406 -21.30 -24.22 14.69
CA GLN A 406 -22.53 -24.74 15.26
C GLN A 406 -22.45 -26.24 15.62
N VAL A 407 -21.94 -27.07 14.71
CA VAL A 407 -21.83 -28.50 15.01
C VAL A 407 -20.76 -28.78 16.06
N GLU A 408 -19.70 -27.97 16.09
CA GLU A 408 -18.63 -28.12 17.07
C GLU A 408 -19.12 -27.88 18.49
N SER A 409 -19.98 -26.88 18.65
CA SER A 409 -20.58 -26.58 19.95
C SER A 409 -21.78 -27.47 20.29
N GLN A 410 -22.55 -27.89 19.29
CA GLN A 410 -23.72 -28.73 19.55
C GLN A 410 -23.41 -30.22 19.70
N SER A 411 -22.46 -30.72 18.92
CA SER A 411 -22.11 -32.14 18.97
C SER A 411 -20.61 -32.37 19.19
N PRO A 412 -20.05 -31.82 20.29
CA PRO A 412 -18.60 -32.02 20.52
C PRO A 412 -18.18 -33.48 20.76
N ASN A 413 -19.09 -34.25 21.33
CA ASN A 413 -18.85 -35.65 21.64
C ASN A 413 -19.07 -36.62 20.47
N ALA A 414 -19.29 -36.10 19.26
CA ALA A 414 -19.45 -36.96 18.09
C ALA A 414 -18.16 -37.74 17.88
N LYS A 415 -18.27 -38.95 17.33
CA LYS A 415 -17.10 -39.77 17.06
C LYS A 415 -17.39 -40.86 16.07
N VAL A 416 -16.32 -41.40 15.49
CA VAL A 416 -16.46 -42.49 14.55
C VAL A 416 -15.53 -43.61 15.03
N THR A 417 -15.98 -44.85 14.89
CA THR A 417 -15.18 -46.00 15.28
C THR A 417 -15.05 -46.95 14.10
N PHE A 418 -13.81 -47.09 13.65
CA PHE A 418 -13.48 -48.00 12.54
C PHE A 418 -12.83 -49.22 13.20
N SER A 419 -13.24 -50.42 12.81
CA SER A 419 -12.65 -51.62 13.38
C SER A 419 -12.60 -52.79 12.40
N ASN A 420 -11.91 -53.86 12.79
CA ASN A 420 -11.83 -55.10 12.01
C ASN A 420 -11.53 -55.00 10.51
N ILE A 421 -10.42 -54.30 10.23
CA ILE A 421 -9.91 -54.09 8.89
C ILE A 421 -9.32 -55.42 8.43
N LYS A 422 -9.78 -55.85 7.25
CA LYS A 422 -9.31 -57.08 6.62
C LYS A 422 -9.01 -56.76 5.18
N PHE A 423 -7.92 -57.32 4.66
CA PHE A 423 -7.50 -57.07 3.30
C PHE A 423 -6.93 -58.35 2.68
N GLY A 424 -7.31 -58.63 1.44
CA GLY A 424 -6.80 -59.81 0.76
C GLY A 424 -7.39 -59.93 -0.63
N PRO A 425 -7.12 -61.03 -1.34
CA PRO A 425 -7.66 -61.26 -2.68
C PRO A 425 -9.20 -61.25 -2.64
N ILE A 426 -9.84 -60.91 -3.77
CA ILE A 426 -11.31 -60.90 -3.86
C ILE A 426 -11.90 -62.25 -3.42
N GLY A 427 -12.90 -62.20 -2.55
CA GLY A 427 -13.55 -63.39 -2.01
C GLY A 427 -12.91 -63.95 -0.76
N SER A 428 -11.87 -63.30 -0.25
CA SER A 428 -11.18 -63.83 0.92
C SER A 428 -11.43 -63.25 2.30
N THR A 429 -11.86 -61.99 2.38
CA THR A 429 -12.04 -61.35 3.68
C THR A 429 -13.18 -61.82 4.57
N GLY A 430 -14.13 -62.55 4.01
CA GLY A 430 -15.24 -63.08 4.79
C GLY A 430 -14.85 -64.34 5.53
N ASN A 431 -13.64 -64.85 5.30
CA ASN A 431 -13.14 -66.06 5.95
C ASN A 431 -12.66 -65.80 7.38
N PRO A 432 -12.53 -66.86 8.21
CA PRO A 432 -12.08 -66.69 9.60
C PRO A 432 -10.77 -65.96 9.85
N SER A 433 -10.87 -64.97 10.72
CA SER A 433 -9.74 -64.15 11.13
C SER A 433 -8.76 -64.94 11.97
N GLY A 434 -7.49 -64.52 11.89
CA GLY A 434 -6.45 -65.13 12.68
C GLY A 434 -6.11 -64.17 13.81
N SER B 2 31.73 47.21 3.63
CA SER B 2 32.41 46.20 4.42
C SER B 2 31.41 45.83 5.51
N ALA B 3 31.83 44.94 6.39
CA ALA B 3 30.99 44.52 7.49
C ALA B 3 31.63 44.89 8.81
N CYS B 4 30.80 45.39 9.74
CA CYS B 4 31.24 45.73 11.07
C CYS B 4 30.63 44.72 12.00
N THR B 5 31.11 44.69 13.23
CA THR B 5 30.62 43.72 14.20
C THR B 5 30.23 44.30 15.57
N LEU B 6 29.71 45.52 15.59
CA LEU B 6 29.28 46.13 16.84
C LEU B 6 28.12 45.28 17.42
N GLN B 7 27.33 44.70 16.51
CA GLN B 7 26.22 43.80 16.83
C GLN B 7 26.53 42.53 16.03
N SER B 8 26.46 41.38 16.70
CA SER B 8 26.76 40.12 16.03
C SER B 8 25.69 39.69 15.02
N GLU B 9 26.12 38.92 14.03
CA GLU B 9 25.24 38.42 12.99
C GLU B 9 25.05 36.89 13.10
N THR B 10 23.86 36.49 13.54
CA THR B 10 23.51 35.09 13.72
C THR B 10 22.24 34.81 12.90
N HIS B 11 22.39 34.06 11.82
CA HIS B 11 21.29 33.70 10.93
C HIS B 11 20.37 32.65 11.57
N PRO B 12 19.04 32.92 11.71
CA PRO B 12 18.12 31.95 12.31
C PRO B 12 18.08 30.70 11.39
N PRO B 13 18.23 29.51 11.97
CA PRO B 13 18.21 28.27 11.19
C PRO B 13 16.83 27.93 10.60
N LEU B 14 16.81 27.29 9.44
CA LEU B 14 15.53 26.87 8.84
C LEU B 14 15.77 25.59 8.08
N THR B 15 15.05 24.54 8.43
CA THR B 15 15.21 23.25 7.73
C THR B 15 14.22 23.19 6.55
N TRP B 16 14.57 22.42 5.53
CA TRP B 16 13.71 22.23 4.36
C TRP B 16 13.95 20.83 3.81
N GLN B 17 13.18 20.40 2.81
CA GLN B 17 13.35 19.05 2.27
C GLN B 17 13.77 19.02 0.80
N LYS B 18 14.69 18.13 0.48
CA LYS B 18 15.10 17.94 -0.90
C LYS B 18 14.65 16.52 -1.24
N CYS B 19 13.79 16.38 -2.25
CA CYS B 19 13.24 15.09 -2.65
C CYS B 19 13.82 14.58 -3.96
N SER B 20 13.74 13.28 -4.18
CA SER B 20 14.28 12.64 -5.38
C SER B 20 13.22 11.90 -6.19
N SER B 21 13.56 11.56 -7.43
CA SER B 21 12.66 10.83 -8.31
C SER B 21 12.36 9.42 -7.78
N GLY B 22 13.29 8.90 -6.97
CA GLY B 22 13.13 7.59 -6.35
C GLY B 22 12.05 7.55 -5.28
N GLY B 23 11.51 8.72 -4.93
CA GLY B 23 10.46 8.78 -3.95
C GLY B 23 10.79 9.06 -2.50
N THR B 24 12.01 9.50 -2.23
CA THR B 24 12.37 9.80 -0.85
C THR B 24 12.74 11.28 -0.73
N CYS B 25 12.58 11.83 0.46
CA CYS B 25 12.95 13.22 0.72
C CYS B 25 13.86 13.23 1.93
N THR B 26 14.89 14.05 1.89
CA THR B 26 15.81 14.16 3.02
C THR B 26 15.86 15.60 3.51
N GLN B 27 15.96 15.74 4.83
CA GLN B 27 16.01 17.06 5.44
C GLN B 27 17.34 17.77 5.20
N GLN B 28 17.25 19.07 4.97
CA GLN B 28 18.41 19.92 4.74
C GLN B 28 18.33 21.01 5.80
N THR B 29 19.49 21.46 6.29
CA THR B 29 19.47 22.56 7.26
C THR B 29 20.11 23.77 6.63
N GLY B 30 19.34 24.85 6.57
CA GLY B 30 19.82 26.11 6.05
C GLY B 30 19.61 27.16 7.15
N SER B 31 19.54 28.43 6.73
CA SER B 31 19.32 29.54 7.65
C SER B 31 18.87 30.74 6.80
N VAL B 32 18.42 31.82 7.42
CA VAL B 32 18.01 32.99 6.64
C VAL B 32 18.77 34.24 7.05
N VAL B 33 18.94 35.13 6.07
CA VAL B 33 19.64 36.39 6.30
C VAL B 33 18.76 37.54 5.81
N ILE B 34 18.75 38.65 6.55
CA ILE B 34 17.97 39.80 6.14
C ILE B 34 18.77 40.67 5.17
N ASP B 35 18.05 41.26 4.22
CA ASP B 35 18.61 42.11 3.19
C ASP B 35 19.37 43.31 3.79
N ALA B 36 20.44 43.71 3.11
CA ALA B 36 21.30 44.82 3.51
C ALA B 36 20.59 46.15 3.77
N ASN B 37 19.51 46.43 3.03
CA ASN B 37 18.74 47.68 3.18
C ASN B 37 18.14 47.86 4.57
N TRP B 38 17.89 46.76 5.26
CA TRP B 38 17.32 46.80 6.58
C TRP B 38 18.35 47.02 7.70
N ARG B 39 19.63 46.90 7.35
CA ARG B 39 20.71 47.03 8.33
C ARG B 39 21.23 48.41 8.68
N TRP B 40 21.76 48.53 9.88
CA TRP B 40 22.38 49.76 10.37
C TRP B 40 23.68 49.93 9.55
N THR B 41 23.79 51.07 8.88
CA THR B 41 24.95 51.39 8.06
C THR B 41 25.68 52.53 8.77
N HIS B 42 26.92 52.31 9.19
CA HIS B 42 27.70 53.34 9.90
C HIS B 42 29.17 53.39 9.48
N ALA B 43 29.88 54.41 9.95
CA ALA B 43 31.30 54.58 9.67
C ALA B 43 32.08 53.35 10.18
N THR B 44 33.11 52.94 9.44
CA THR B 44 33.92 51.78 9.83
C THR B 44 34.61 51.95 11.18
N ASN B 45 34.90 53.20 11.52
CA ASN B 45 35.59 53.52 12.76
C ASN B 45 34.80 54.09 13.93
N SER B 46 33.53 54.41 13.71
CA SER B 46 32.70 54.95 14.77
C SER B 46 31.28 54.42 14.65
N SER B 47 30.37 54.93 15.48
CA SER B 47 28.98 54.50 15.42
C SER B 47 28.13 55.53 14.65
N THR B 48 28.80 56.47 13.99
CA THR B 48 28.17 57.53 13.22
C THR B 48 27.54 56.93 11.99
N ASN B 49 26.23 57.14 11.87
CA ASN B 49 25.46 56.62 10.75
C ASN B 49 25.85 57.21 9.40
N CYS B 50 25.93 56.37 8.36
CA CYS B 50 26.20 56.85 7.01
C CYS B 50 24.85 57.18 6.37
N TYR B 51 23.79 56.57 6.90
CA TYR B 51 22.43 56.77 6.42
C TYR B 51 21.50 56.81 7.63
N ASP B 52 20.63 57.82 7.68
CA ASP B 52 19.67 57.93 8.75
C ASP B 52 18.43 58.61 8.20
N GLY B 53 17.28 58.03 8.54
CA GLY B 53 16.00 58.50 8.05
C GLY B 53 15.96 58.11 6.58
N ASN B 54 15.98 59.12 5.72
CA ASN B 54 16.00 58.89 4.28
C ASN B 54 17.08 59.70 3.57
N THR B 55 18.13 60.02 4.31
CA THR B 55 19.26 60.78 3.78
C THR B 55 20.58 60.20 4.20
N TRP B 56 21.57 60.46 3.36
CA TRP B 56 22.93 60.03 3.59
C TRP B 56 23.76 61.18 4.17
N SER B 57 24.75 60.80 4.95
CA SER B 57 25.71 61.73 5.52
C SER B 57 26.52 62.32 4.34
N SER B 58 26.40 63.64 4.12
CA SER B 58 27.12 64.32 3.03
C SER B 58 28.64 64.33 3.20
N THR B 59 29.10 64.16 4.43
CA THR B 59 30.53 64.14 4.71
C THR B 59 31.11 62.73 4.55
N LEU B 60 30.48 61.72 5.16
CA LEU B 60 30.95 60.33 5.03
C LEU B 60 30.69 59.77 3.63
N CYS B 61 29.61 60.25 3.02
CA CYS B 61 29.20 59.78 1.70
C CYS B 61 29.02 60.86 0.63
N PRO B 62 30.11 61.51 0.18
CA PRO B 62 30.02 62.57 -0.84
C PRO B 62 29.77 62.00 -2.25
N ASP B 63 30.16 60.75 -2.43
CA ASP B 63 29.97 60.04 -3.70
C ASP B 63 29.87 58.55 -3.38
N ASN B 64 29.45 57.78 -4.38
CA ASN B 64 29.27 56.33 -4.26
C ASN B 64 30.49 55.55 -3.77
N GLU B 65 31.64 55.84 -4.36
CA GLU B 65 32.88 55.13 -3.99
C GLU B 65 33.36 55.42 -2.58
N THR B 66 33.46 56.70 -2.24
CA THR B 66 33.92 57.14 -0.93
C THR B 66 33.01 56.64 0.17
N CYS B 67 31.71 56.65 -0.11
CA CYS B 67 30.72 56.17 0.84
C CYS B 67 30.97 54.70 1.14
N ALA B 68 31.18 53.89 0.09
CA ALA B 68 31.42 52.46 0.26
C ALA B 68 32.70 52.21 1.04
N LYS B 69 33.71 53.06 0.84
CA LYS B 69 34.99 52.92 1.57
C LYS B 69 34.81 53.28 3.05
N ASN B 70 34.02 54.32 3.32
CA ASN B 70 33.85 54.79 4.70
C ASN B 70 32.81 54.05 5.52
N CYS B 71 31.90 53.35 4.85
CA CYS B 71 30.80 52.70 5.53
C CYS B 71 30.75 51.19 5.53
N CYS B 72 30.11 50.67 6.57
CA CYS B 72 29.95 49.25 6.76
C CYS B 72 28.54 48.89 7.24
N LEU B 73 28.17 47.62 7.01
CA LEU B 73 26.88 47.10 7.42
C LEU B 73 27.10 46.34 8.72
N ASP B 74 26.16 46.40 9.65
CA ASP B 74 26.34 45.67 10.89
C ASP B 74 25.29 44.56 11.03
N GLY B 75 25.41 43.77 12.10
CA GLY B 75 24.52 42.67 12.41
C GLY B 75 23.08 43.07 12.73
N ALA B 76 22.22 42.06 12.74
CA ALA B 76 20.79 42.22 12.95
C ALA B 76 20.25 41.40 14.10
N ALA B 77 19.44 41.99 14.96
CA ALA B 77 18.80 41.25 16.04
C ALA B 77 17.48 40.85 15.40
N TYR B 78 17.48 39.67 14.78
CA TYR B 78 16.34 39.16 14.05
C TYR B 78 14.96 39.23 14.69
N ALA B 79 14.83 38.67 15.88
CA ALA B 79 13.56 38.66 16.56
C ALA B 79 13.12 40.01 17.15
N SER B 80 14.03 40.63 17.91
CA SER B 80 13.74 41.89 18.58
C SER B 80 13.63 43.15 17.71
N THR B 81 14.43 43.23 16.66
CA THR B 81 14.37 44.39 15.79
C THR B 81 13.53 44.15 14.53
N TYR B 82 13.61 42.95 13.99
CA TYR B 82 12.93 42.68 12.74
C TYR B 82 11.68 41.80 12.75
N GLY B 83 11.39 41.24 13.92
CA GLY B 83 10.24 40.38 14.08
C GLY B 83 10.31 39.09 13.29
N VAL B 84 11.53 38.61 13.05
CA VAL B 84 11.74 37.40 12.29
C VAL B 84 12.11 36.26 13.22
N THR B 85 11.34 35.17 13.17
CA THR B 85 11.61 34.01 14.01
C THR B 85 11.48 32.74 13.17
N THR B 86 12.17 31.68 13.58
CA THR B 86 12.05 30.39 12.90
C THR B 86 11.91 29.33 13.99
N SER B 87 11.30 28.21 13.63
CA SER B 87 11.10 27.08 14.55
C SER B 87 11.02 25.88 13.62
N GLY B 88 12.06 25.04 13.62
CA GLY B 88 12.06 23.88 12.75
C GLY B 88 11.98 24.28 11.29
N ASN B 89 10.93 23.82 10.60
CA ASN B 89 10.75 24.15 9.18
C ASN B 89 9.85 25.36 8.92
N SER B 90 9.59 26.11 9.98
CA SER B 90 8.71 27.27 9.92
C SER B 90 9.42 28.61 10.11
N LEU B 91 9.03 29.60 9.32
CA LEU B 91 9.56 30.97 9.37
C LEU B 91 8.38 31.95 9.50
N SER B 92 8.40 32.82 10.50
CA SER B 92 7.34 33.83 10.64
C SER B 92 7.96 35.19 10.51
N ILE B 93 7.27 36.07 9.79
CA ILE B 93 7.72 37.44 9.61
C ILE B 93 6.61 38.36 10.14
N GLY B 94 6.89 39.15 11.19
CA GLY B 94 5.92 40.09 11.74
C GLY B 94 5.87 41.36 10.90
N PHE B 95 4.76 42.09 10.89
CA PHE B 95 4.64 43.31 10.06
C PHE B 95 5.38 44.53 10.63
N VAL B 96 4.95 45.03 11.77
CA VAL B 96 5.59 46.19 12.36
C VAL B 96 6.20 45.75 13.68
N THR B 97 7.48 46.07 13.87
CA THR B 97 8.18 45.71 15.10
C THR B 97 8.75 46.97 15.69
N GLN B 98 8.38 47.19 16.94
CA GLN B 98 8.78 48.34 17.72
C GLN B 98 9.88 48.02 18.71
N SER B 99 11.01 48.67 18.52
CA SER B 99 12.14 48.55 19.42
C SER B 99 12.55 50.01 19.60
N ALA B 100 13.84 50.36 19.45
CA ALA B 100 14.30 51.76 19.56
C ALA B 100 13.74 52.50 18.37
N GLN B 101 13.50 51.73 17.33
CA GLN B 101 12.97 52.23 16.08
C GLN B 101 11.77 51.38 15.66
N LYS B 102 11.05 51.90 14.67
CA LYS B 102 9.93 51.20 14.10
C LYS B 102 10.45 50.53 12.84
N ASN B 103 10.22 49.24 12.73
CA ASN B 103 10.64 48.48 11.56
C ASN B 103 9.39 47.96 10.89
N VAL B 104 9.36 48.06 9.57
CA VAL B 104 8.24 47.55 8.79
C VAL B 104 8.73 46.47 7.83
N GLY B 105 8.26 45.24 8.06
CA GLY B 105 8.60 44.11 7.22
C GLY B 105 10.04 43.64 7.21
N ALA B 106 10.36 42.83 6.21
CA ALA B 106 11.69 42.25 6.03
C ALA B 106 11.77 41.56 4.68
N ARG B 107 12.99 41.42 4.16
CA ARG B 107 13.23 40.66 2.93
C ARG B 107 14.36 39.73 3.35
N LEU B 108 14.13 38.43 3.24
CA LEU B 108 15.08 37.41 3.67
C LEU B 108 15.46 36.43 2.56
N TYR B 109 16.67 35.87 2.65
CA TYR B 109 17.16 34.90 1.67
C TYR B 109 17.57 33.60 2.35
N LEU B 110 17.36 32.47 1.68
CA LEU B 110 17.77 31.20 2.26
C LEU B 110 19.25 31.00 1.94
N MET B 111 20.02 30.66 2.96
CA MET B 111 21.45 30.45 2.84
C MET B 111 21.87 29.00 2.79
N ALA B 112 22.94 28.73 2.03
CA ALA B 112 23.51 27.38 1.93
C ALA B 112 24.51 27.19 3.08
N SER B 113 25.22 28.27 3.43
CA SER B 113 26.19 28.29 4.54
C SER B 113 26.12 29.69 5.13
N ASP B 114 26.91 29.95 6.16
CA ASP B 114 26.92 31.27 6.77
C ASP B 114 27.34 32.40 5.86
N THR B 115 28.03 32.06 4.78
CA THR B 115 28.53 33.07 3.86
C THR B 115 28.04 32.97 2.41
N THR B 116 27.13 32.04 2.12
CA THR B 116 26.64 31.89 0.74
C THR B 116 25.14 31.59 0.66
N TYR B 117 24.52 32.01 -0.43
CA TYR B 117 23.09 31.76 -0.63
C TYR B 117 22.88 30.40 -1.29
N GLN B 118 21.74 29.80 -0.96
CA GLN B 118 21.33 28.54 -1.56
C GLN B 118 20.77 28.87 -2.95
N GLU B 119 21.29 28.20 -3.96
CA GLU B 119 20.83 28.41 -5.34
C GLU B 119 19.96 27.21 -5.70
N PHE B 120 18.86 27.46 -6.43
CA PHE B 120 17.95 26.40 -6.86
C PHE B 120 17.82 26.45 -8.39
N THR B 121 17.80 25.30 -9.05
CA THR B 121 17.58 25.23 -10.50
C THR B 121 16.15 24.71 -10.58
N LEU B 122 15.25 25.59 -11.01
CA LEU B 122 13.84 25.26 -11.07
C LEU B 122 13.36 24.40 -12.22
N LEU B 123 13.94 24.57 -13.41
CA LEU B 123 13.52 23.82 -14.58
C LEU B 123 13.54 22.31 -14.40
N GLY B 124 12.37 21.71 -14.62
CA GLY B 124 12.20 20.27 -14.47
C GLY B 124 11.87 19.87 -13.05
N ASN B 125 11.81 20.86 -12.16
CA ASN B 125 11.51 20.60 -10.77
C ASN B 125 10.26 21.30 -10.29
N GLU B 126 9.89 21.00 -9.04
CA GLU B 126 8.74 21.60 -8.40
C GLU B 126 9.11 22.07 -7.01
N PHE B 127 8.40 23.11 -6.57
CA PHE B 127 8.62 23.73 -5.28
C PHE B 127 7.29 23.72 -4.52
N SER B 128 7.36 23.29 -3.27
CA SER B 128 6.20 23.19 -2.42
C SER B 128 6.44 23.88 -1.08
N PHE B 129 5.40 24.52 -0.54
CA PHE B 129 5.48 25.17 0.77
C PHE B 129 4.09 25.32 1.32
N ASP B 130 4.00 25.42 2.65
CA ASP B 130 2.74 25.62 3.33
C ASP B 130 2.76 27.09 3.73
N VAL B 131 1.59 27.71 3.74
CA VAL B 131 1.53 29.11 4.09
C VAL B 131 0.25 29.45 4.83
N ASP B 132 0.39 30.35 5.78
CA ASP B 132 -0.73 30.85 6.56
C ASP B 132 -0.80 32.34 6.25
N VAL B 133 -1.79 32.73 5.45
CA VAL B 133 -1.99 34.13 5.06
C VAL B 133 -3.16 34.77 5.82
N SER B 134 -3.72 34.03 6.78
CA SER B 134 -4.86 34.50 7.56
C SER B 134 -4.73 35.85 8.25
N GLN B 135 -3.51 36.24 8.62
CA GLN B 135 -3.29 37.51 9.30
C GLN B 135 -2.86 38.60 8.35
N LEU B 136 -3.07 38.41 7.05
CA LEU B 136 -2.70 39.40 6.06
C LEU B 136 -3.94 40.01 5.39
N PRO B 137 -4.30 41.24 5.80
CA PRO B 137 -5.47 41.92 5.23
C PRO B 137 -5.13 42.67 3.94
N CYS B 138 -6.11 43.39 3.41
CA CYS B 138 -5.94 44.21 2.23
C CYS B 138 -4.72 45.12 2.38
N GLY B 139 -3.94 45.27 1.32
CA GLY B 139 -2.79 46.15 1.40
C GLY B 139 -1.46 45.51 1.73
N LEU B 140 -1.46 44.27 2.22
CA LEU B 140 -0.20 43.59 2.54
C LEU B 140 0.13 42.53 1.50
N ASN B 141 1.41 42.15 1.46
CA ASN B 141 1.89 41.14 0.52
C ASN B 141 2.97 40.27 1.19
N GLY B 142 2.64 39.00 1.45
CA GLY B 142 3.59 38.04 2.00
C GLY B 142 4.07 37.32 0.75
N ALA B 143 5.30 37.62 0.34
CA ALA B 143 5.84 37.05 -0.89
C ALA B 143 6.91 35.98 -0.75
N LEU B 144 6.84 34.97 -1.61
CA LEU B 144 7.86 33.94 -1.68
C LEU B 144 8.15 33.90 -3.17
N TYR B 145 9.41 34.16 -3.51
CA TYR B 145 9.82 34.22 -4.89
C TYR B 145 11.29 33.91 -5.10
N PHE B 146 11.70 33.87 -6.36
CA PHE B 146 13.08 33.56 -6.73
C PHE B 146 13.65 34.66 -7.63
N VAL B 147 14.93 34.99 -7.45
CA VAL B 147 15.62 35.99 -8.28
C VAL B 147 16.97 35.44 -8.70
N SER B 148 17.51 35.89 -9.83
CA SER B 148 18.80 35.41 -10.30
C SER B 148 19.99 36.18 -9.70
N MET B 149 20.19 35.99 -8.41
CA MET B 149 21.28 36.63 -7.64
C MET B 149 22.51 35.71 -7.61
N ASP B 150 23.69 36.29 -7.39
CA ASP B 150 24.92 35.49 -7.27
C ASP B 150 24.97 34.89 -5.87
N ALA B 151 25.55 33.70 -5.77
CA ALA B 151 25.69 32.96 -4.50
C ALA B 151 26.47 33.68 -3.39
N ASP B 152 27.42 34.50 -3.79
CA ASP B 152 28.26 35.23 -2.85
C ASP B 152 27.76 36.65 -2.53
N GLY B 153 26.61 37.03 -3.08
CA GLY B 153 26.07 38.37 -2.87
C GLY B 153 26.77 39.43 -3.71
N GLY B 154 27.59 38.98 -4.67
CA GLY B 154 28.33 39.88 -5.55
C GLY B 154 29.81 40.13 -5.24
N VAL B 155 30.34 39.52 -4.18
CA VAL B 155 31.74 39.72 -3.76
C VAL B 155 32.82 39.50 -4.83
N SER B 156 32.68 38.44 -5.63
CA SER B 156 33.67 38.16 -6.64
C SER B 156 33.72 39.15 -7.77
N LYS B 157 32.57 39.75 -8.08
CA LYS B 157 32.53 40.73 -9.15
C LYS B 157 32.88 42.14 -8.69
N TYR B 158 32.51 42.48 -7.46
CA TYR B 158 32.69 43.82 -6.96
C TYR B 158 33.45 43.75 -5.66
N PRO B 159 34.79 43.86 -5.73
CA PRO B 159 35.71 43.78 -4.58
C PRO B 159 35.58 44.76 -3.40
N THR B 160 34.96 45.91 -3.62
CA THR B 160 34.73 46.86 -2.55
C THR B 160 33.55 46.40 -1.68
N ASN B 161 32.90 45.29 -2.09
CA ASN B 161 31.83 44.69 -1.30
C ASN B 161 32.53 43.51 -0.62
N THR B 162 32.77 43.63 0.69
CA THR B 162 33.39 42.56 1.43
C THR B 162 32.42 42.00 2.48
N ALA B 163 31.19 42.52 2.53
CA ALA B 163 30.16 42.04 3.47
C ALA B 163 29.55 40.75 2.92
N GLY B 164 29.19 40.79 1.65
CA GLY B 164 28.63 39.63 0.97
C GLY B 164 27.27 39.09 1.40
N ALA B 165 27.03 37.82 1.06
CA ALA B 165 25.79 37.13 1.37
C ALA B 165 25.51 37.08 2.86
N LYS B 166 26.56 37.02 3.67
CA LYS B 166 26.44 36.97 5.12
C LYS B 166 25.63 38.15 5.69
N TYR B 167 25.75 39.29 5.00
CA TYR B 167 25.02 40.52 5.34
C TYR B 167 23.91 40.87 4.37
N GLY B 168 23.46 39.90 3.58
CA GLY B 168 22.36 40.12 2.64
C GLY B 168 22.56 41.08 1.48
N THR B 169 23.77 41.10 0.92
CA THR B 169 24.04 41.98 -0.21
C THR B 169 23.75 41.29 -1.55
N GLY B 170 23.70 42.13 -2.59
CA GLY B 170 23.50 41.64 -3.94
C GLY B 170 22.12 41.49 -4.52
N TYR B 171 21.11 42.03 -3.84
CA TYR B 171 19.75 41.91 -4.35
C TYR B 171 19.52 42.51 -5.74
N CYS B 172 18.56 41.92 -6.44
CA CYS B 172 18.14 42.37 -7.75
C CYS B 172 16.79 41.73 -8.04
N ASP B 173 16.00 42.36 -8.89
CA ASP B 173 14.72 41.81 -9.34
C ASP B 173 14.24 42.47 -10.62
N SER B 174 13.10 42.05 -11.16
CA SER B 174 12.61 42.61 -12.41
C SER B 174 12.10 44.04 -12.36
N GLN B 175 11.98 44.59 -11.15
CA GLN B 175 11.56 45.98 -10.99
C GLN B 175 12.79 46.90 -11.14
N CYS B 176 14.00 46.32 -11.17
CA CYS B 176 15.27 47.06 -11.23
C CYS B 176 15.25 48.10 -10.12
N PRO B 177 15.05 47.64 -8.87
CA PRO B 177 14.96 48.56 -7.71
C PRO B 177 16.09 49.56 -7.47
N ARG B 178 15.68 50.82 -7.38
CA ARG B 178 16.58 51.95 -7.14
C ARG B 178 16.67 52.40 -5.69
N ASP B 179 15.87 51.77 -4.82
CA ASP B 179 15.85 52.08 -3.39
C ASP B 179 16.98 51.39 -2.62
N LEU B 180 17.76 50.58 -3.31
CA LEU B 180 18.87 49.88 -2.70
C LEU B 180 19.98 50.87 -2.36
N LYS B 181 20.50 50.76 -1.15
CA LYS B 181 21.54 51.64 -0.67
C LYS B 181 22.90 51.30 -1.23
N PHE B 182 23.15 50.01 -1.42
CA PHE B 182 24.41 49.54 -1.97
C PHE B 182 24.18 48.62 -3.15
N ILE B 183 24.81 48.94 -4.27
CA ILE B 183 24.70 48.15 -5.48
C ILE B 183 26.09 48.04 -6.09
N ASN B 184 26.49 46.82 -6.45
CA ASN B 184 27.78 46.57 -7.09
C ASN B 184 29.01 47.08 -6.32
N GLY B 185 29.00 46.88 -5.00
CA GLY B 185 30.11 47.30 -4.16
C GLY B 185 30.24 48.79 -3.89
N GLN B 186 29.23 49.55 -4.31
CA GLN B 186 29.23 50.99 -4.13
C GLN B 186 27.93 51.44 -3.51
N ALA B 187 27.93 52.62 -2.87
CA ALA B 187 26.70 53.16 -2.31
C ALA B 187 25.86 53.67 -3.48
N ASN B 188 24.65 54.13 -3.17
CA ASN B 188 23.74 54.65 -4.20
C ASN B 188 23.33 56.08 -3.79
N VAL B 189 24.29 56.81 -3.20
CA VAL B 189 24.09 58.18 -2.75
C VAL B 189 23.99 59.19 -3.90
N GLU B 190 24.67 58.91 -5.02
CA GLU B 190 24.59 59.80 -6.17
C GLU B 190 23.20 59.74 -6.80
N GLY B 191 22.57 60.92 -6.89
CA GLY B 191 21.23 61.03 -7.43
C GLY B 191 20.12 60.67 -6.45
N TRP B 192 20.46 60.51 -5.18
CA TRP B 192 19.47 60.16 -4.17
C TRP B 192 18.36 61.19 -3.97
N GLU B 193 17.13 60.72 -4.03
CA GLU B 193 15.93 61.54 -3.84
C GLU B 193 15.20 60.86 -2.69
N PRO B 194 14.97 61.57 -1.57
CA PRO B 194 14.26 60.99 -0.43
C PRO B 194 12.79 60.79 -0.84
N SER B 195 12.11 59.77 -0.28
CA SER B 195 10.70 59.56 -0.61
C SER B 195 9.84 60.63 0.06
N SER B 196 8.89 61.14 -0.71
CA SER B 196 7.94 62.15 -0.25
C SER B 196 6.93 61.55 0.73
N ASN B 197 6.74 60.23 0.69
CA ASN B 197 5.78 59.57 1.58
C ASN B 197 6.35 58.54 2.53
N ASN B 198 7.66 58.30 2.45
CA ASN B 198 8.27 57.31 3.32
C ASN B 198 9.54 57.94 3.89
N ALA B 199 9.50 58.15 5.20
CA ALA B 199 10.59 58.77 5.94
C ALA B 199 11.85 57.93 6.04
N ASN B 200 11.80 56.68 5.62
CA ASN B 200 12.96 55.80 5.72
C ASN B 200 13.56 55.37 4.40
N THR B 201 12.95 55.78 3.30
CA THR B 201 13.44 55.35 2.01
C THR B 201 13.59 56.50 1.03
N GLY B 202 14.19 56.14 -0.10
CA GLY B 202 14.43 57.06 -1.19
C GLY B 202 14.75 56.27 -2.44
N ILE B 203 15.13 56.99 -3.48
CA ILE B 203 15.47 56.44 -4.78
C ILE B 203 16.82 57.02 -5.22
N GLY B 204 17.78 56.14 -5.52
CA GLY B 204 19.09 56.58 -5.96
C GLY B 204 19.21 56.61 -7.46
N GLY B 205 20.40 56.97 -7.96
CA GLY B 205 20.61 57.04 -9.39
C GLY B 205 20.89 55.72 -10.11
N HIS B 206 20.94 54.62 -9.37
CA HIS B 206 21.22 53.34 -9.96
C HIS B 206 20.29 52.27 -9.43
N GLY B 207 20.01 51.25 -10.25
CA GLY B 207 19.14 50.17 -9.83
C GLY B 207 19.81 48.83 -10.05
N SER B 208 19.18 47.76 -9.58
CA SER B 208 19.76 46.42 -9.73
C SER B 208 18.72 45.45 -10.33
N CYS B 209 18.92 45.12 -11.61
CA CYS B 209 18.03 44.25 -12.37
C CYS B 209 18.43 42.78 -12.48
N CYS B 210 17.40 41.92 -12.57
CA CYS B 210 17.56 40.48 -12.80
C CYS B 210 16.23 39.76 -12.90
N SER B 211 16.26 38.59 -13.53
CA SER B 211 15.09 37.75 -13.72
C SER B 211 14.45 37.40 -12.40
N GLU B 212 13.13 37.29 -12.42
CA GLU B 212 12.36 37.04 -11.24
C GLU B 212 11.16 36.12 -11.43
N MET B 213 11.04 35.14 -10.55
CA MET B 213 9.94 34.18 -10.58
C MET B 213 9.12 34.38 -9.31
N ASP B 214 7.98 35.08 -9.44
CA ASP B 214 7.11 35.29 -8.29
C ASP B 214 6.15 34.15 -8.14
N ILE B 215 6.53 33.21 -7.29
CA ILE B 215 5.73 32.05 -7.02
C ILE B 215 4.48 32.42 -6.25
N TRP B 216 4.66 33.33 -5.31
CA TRP B 216 3.57 33.69 -4.45
C TRP B 216 3.62 35.13 -3.97
N GLU B 217 2.63 35.92 -4.39
CA GLU B 217 2.46 37.29 -3.93
C GLU B 217 1.03 37.22 -3.46
N ALA B 218 0.83 37.38 -2.15
CA ALA B 218 -0.51 37.18 -1.62
C ALA B 218 -0.82 37.71 -0.24
N ASN B 219 -2.12 37.79 0.00
CA ASN B 219 -2.70 38.11 1.31
C ASN B 219 -3.92 37.20 1.44
N SER B 220 -4.79 37.44 2.41
CA SER B 220 -5.98 36.60 2.59
C SER B 220 -7.07 36.82 1.52
N ILE B 221 -6.93 37.86 0.70
CA ILE B 221 -7.91 38.21 -0.32
C ILE B 221 -7.56 37.74 -1.72
N SER B 222 -6.31 37.94 -2.12
CA SER B 222 -5.87 37.55 -3.46
C SER B 222 -4.44 37.01 -3.49
N GLU B 223 -4.17 36.25 -4.55
CA GLU B 223 -2.86 35.66 -4.79
C GLU B 223 -2.56 35.65 -6.29
N ALA B 224 -1.28 35.80 -6.63
CA ALA B 224 -0.82 35.84 -8.00
C ALA B 224 0.48 35.06 -8.20
N LEU B 225 0.63 34.49 -9.39
CA LEU B 225 1.79 33.71 -9.80
C LEU B 225 2.32 34.47 -11.02
N THR B 226 3.58 34.90 -10.99
CA THR B 226 4.07 35.73 -12.10
C THR B 226 5.54 35.64 -12.51
N PRO B 227 5.82 35.14 -13.71
CA PRO B 227 7.21 35.06 -14.20
C PRO B 227 7.54 36.43 -14.87
N HIS B 228 8.78 36.89 -14.69
CA HIS B 228 9.30 38.17 -15.28
C HIS B 228 10.63 38.01 -15.98
N PRO B 229 10.64 37.99 -17.32
CA PRO B 229 11.93 37.86 -18.01
C PRO B 229 12.67 39.18 -18.07
N CYS B 230 13.97 39.07 -18.34
CA CYS B 230 14.85 40.23 -18.53
C CYS B 230 15.78 39.80 -19.66
N THR B 231 16.20 40.77 -20.47
CA THR B 231 17.11 40.50 -21.59
C THR B 231 18.51 40.05 -21.12
N THR B 232 18.89 40.41 -19.88
CA THR B 232 20.13 39.95 -19.22
C THR B 232 19.52 39.12 -18.09
N VAL B 233 19.88 37.85 -18.04
CA VAL B 233 19.34 36.92 -17.06
C VAL B 233 19.68 37.26 -15.61
N GLY B 234 20.98 37.43 -15.35
CA GLY B 234 21.46 37.74 -14.02
C GLY B 234 21.51 39.21 -13.64
N GLN B 235 22.06 39.46 -12.45
CA GLN B 235 22.18 40.79 -11.88
C GLN B 235 23.01 41.71 -12.76
N GLU B 236 22.47 42.91 -12.96
CA GLU B 236 23.10 43.91 -13.76
C GLU B 236 22.61 45.28 -13.26
N ILE B 237 23.54 46.23 -13.16
CA ILE B 237 23.19 47.57 -12.70
C ILE B 237 22.52 48.35 -13.84
N CYS B 238 21.64 49.29 -13.50
CA CYS B 238 21.01 50.14 -14.50
C CYS B 238 21.16 51.57 -14.01
N GLU B 239 21.02 52.53 -14.92
CA GLU B 239 21.21 53.92 -14.57
C GLU B 239 19.98 54.79 -14.83
N GLY B 240 19.56 55.45 -13.75
CA GLY B 240 18.44 56.38 -13.77
C GLY B 240 17.16 55.86 -14.35
N ASP B 241 16.56 56.65 -15.24
CA ASP B 241 15.29 56.28 -15.89
C ASP B 241 15.42 55.14 -16.90
N GLY B 242 16.66 54.81 -17.26
CA GLY B 242 16.95 53.72 -18.16
C GLY B 242 16.73 52.39 -17.44
N CYS B 243 16.45 52.47 -16.15
CA CYS B 243 16.15 51.29 -15.34
C CYS B 243 14.73 50.77 -15.64
N GLY B 244 13.83 51.67 -16.04
CA GLY B 244 12.45 51.27 -16.26
C GLY B 244 11.81 51.00 -14.91
N GLY B 245 10.69 50.29 -14.86
CA GLY B 245 10.08 50.02 -13.57
C GLY B 245 9.21 51.16 -13.10
N THR B 246 8.81 51.09 -11.84
CA THR B 246 7.95 52.05 -11.17
C THR B 246 8.40 53.51 -11.04
N TYR B 247 9.64 53.70 -10.60
CA TYR B 247 10.15 55.04 -10.38
C TYR B 247 10.99 55.65 -11.50
N SER B 248 10.63 55.29 -12.72
CA SER B 248 11.31 55.77 -13.90
C SER B 248 10.29 56.37 -14.87
N ASP B 249 10.79 57.23 -15.75
CA ASP B 249 9.96 57.94 -16.74
C ASP B 249 9.25 57.07 -17.79
N ASN B 250 9.91 56.00 -18.22
CA ASN B 250 9.32 55.05 -19.16
C ASN B 250 9.44 53.72 -18.44
N ARG B 251 8.29 53.25 -17.97
CA ARG B 251 8.17 52.01 -17.22
C ARG B 251 8.69 50.83 -18.02
N TYR B 252 8.47 50.85 -19.33
CA TYR B 252 8.89 49.76 -20.20
C TYR B 252 10.17 50.00 -20.98
N GLY B 253 10.89 51.06 -20.60
CA GLY B 253 12.13 51.41 -21.28
C GLY B 253 13.41 50.69 -20.85
N GLY B 254 13.33 49.89 -19.78
CA GLY B 254 14.50 49.16 -19.31
C GLY B 254 14.67 47.78 -19.93
N THR B 255 15.53 46.98 -19.31
CA THR B 255 15.85 45.63 -19.77
C THR B 255 14.99 44.51 -19.16
N CYS B 256 14.18 44.82 -18.16
CA CYS B 256 13.34 43.82 -17.53
C CYS B 256 11.87 44.11 -17.74
N ASP B 257 11.06 43.08 -17.55
CA ASP B 257 9.62 43.21 -17.69
C ASP B 257 9.07 43.40 -16.26
N PRO B 258 8.62 44.63 -15.90
CA PRO B 258 8.09 44.87 -14.54
C PRO B 258 6.67 44.34 -14.27
N ASP B 259 5.92 44.03 -15.33
CA ASP B 259 4.55 43.53 -15.17
C ASP B 259 4.43 42.02 -15.00
N GLY B 260 5.08 41.26 -15.90
CA GLY B 260 5.05 39.81 -15.89
C GLY B 260 3.81 39.22 -16.55
N CYS B 261 3.79 37.91 -16.72
CA CYS B 261 2.63 37.23 -17.28
C CYS B 261 2.05 36.67 -16.00
N ASP B 262 1.11 37.40 -15.43
CA ASP B 262 0.53 37.04 -14.16
C ASP B 262 -0.70 36.19 -14.22
N TRP B 263 -0.88 35.34 -13.21
CA TRP B 263 -2.04 34.50 -13.12
C TRP B 263 -2.65 34.68 -11.72
N ASN B 264 -3.74 35.44 -11.64
CA ASN B 264 -4.47 35.69 -10.40
C ASN B 264 -5.88 35.14 -10.71
N PRO B 265 -6.30 34.06 -10.03
CA PRO B 265 -7.61 33.42 -10.23
C PRO B 265 -8.80 34.36 -10.23
N TYR B 266 -8.80 35.33 -9.30
CA TYR B 266 -9.89 36.30 -9.19
C TYR B 266 -9.89 37.22 -10.40
N ARG B 267 -8.72 37.69 -10.81
CA ARG B 267 -8.61 38.56 -11.97
C ARG B 267 -9.07 37.84 -13.24
N LEU B 268 -8.91 36.51 -13.26
CA LEU B 268 -9.32 35.71 -14.41
C LEU B 268 -10.78 35.29 -14.41
N GLY B 269 -11.51 35.66 -13.36
CA GLY B 269 -12.92 35.34 -13.33
C GLY B 269 -13.48 34.41 -12.29
N ASN B 270 -12.63 33.71 -11.55
CA ASN B 270 -13.16 32.82 -10.53
C ASN B 270 -13.09 33.56 -9.21
N THR B 271 -14.20 34.17 -8.82
CA THR B 271 -14.24 34.95 -7.59
C THR B 271 -14.56 34.15 -6.33
N SER B 272 -14.74 32.84 -6.47
CA SER B 272 -15.07 31.95 -5.35
C SER B 272 -13.98 30.97 -4.99
N PHE B 273 -12.85 31.05 -5.68
CA PHE B 273 -11.79 30.11 -5.43
C PHE B 273 -10.91 30.32 -4.19
N TYR B 274 -10.47 31.56 -3.98
CA TYR B 274 -9.54 31.85 -2.89
C TYR B 274 -10.04 33.05 -2.11
N GLY B 275 -10.23 32.84 -0.82
CA GLY B 275 -10.70 33.92 0.02
C GLY B 275 -10.92 33.47 1.44
N PRO B 276 -11.20 34.44 2.31
CA PRO B 276 -11.42 34.15 3.73
C PRO B 276 -12.81 33.55 4.05
N GLY B 277 -12.81 32.34 4.61
CA GLY B 277 -14.07 31.73 4.95
C GLY B 277 -14.39 30.48 4.18
N SER B 278 -15.35 29.74 4.72
CA SER B 278 -15.79 28.47 4.14
C SER B 278 -16.53 28.51 2.82
N SER B 279 -16.95 29.70 2.39
CA SER B 279 -17.66 29.84 1.12
C SER B 279 -16.70 29.94 -0.07
N PHE B 280 -15.40 29.78 0.20
CA PHE B 280 -14.37 29.80 -0.85
C PHE B 280 -13.79 28.39 -0.94
N THR B 281 -13.34 27.98 -2.12
CA THR B 281 -12.76 26.64 -2.37
C THR B 281 -11.56 26.47 -1.43
N LEU B 282 -10.67 27.45 -1.45
CA LEU B 282 -9.51 27.51 -0.57
C LEU B 282 -9.83 28.59 0.47
N ASP B 283 -9.95 28.16 1.72
CA ASP B 283 -10.26 29.05 2.82
C ASP B 283 -8.95 29.61 3.39
N THR B 284 -8.71 30.91 3.20
CA THR B 284 -7.48 31.57 3.66
C THR B 284 -7.32 31.83 5.15
N THR B 285 -8.32 31.46 5.93
CA THR B 285 -8.22 31.60 7.38
C THR B 285 -7.50 30.36 7.93
N LYS B 286 -7.26 29.38 7.05
CA LYS B 286 -6.58 28.13 7.40
C LYS B 286 -5.35 27.95 6.52
N LYS B 287 -4.38 27.20 7.01
CA LYS B 287 -3.15 26.94 6.27
C LYS B 287 -3.40 26.15 4.98
N LEU B 288 -2.58 26.40 3.96
CA LEU B 288 -2.69 25.68 2.70
C LEU B 288 -1.32 25.36 2.10
N THR B 289 -1.28 24.36 1.23
CA THR B 289 -0.06 23.93 0.53
C THR B 289 -0.17 24.44 -0.89
N VAL B 290 0.94 25.01 -1.37
CA VAL B 290 1.03 25.58 -2.72
C VAL B 290 2.15 24.86 -3.46
N VAL B 291 1.81 24.20 -4.57
CA VAL B 291 2.82 23.47 -5.35
C VAL B 291 2.91 24.04 -6.76
N THR B 292 4.13 24.35 -7.19
CA THR B 292 4.39 24.95 -8.48
C THR B 292 5.41 24.11 -9.24
N GLN B 293 5.03 23.73 -10.46
CA GLN B 293 5.84 22.86 -11.31
C GLN B 293 6.38 23.55 -12.56
N PHE B 294 7.67 23.35 -12.80
CA PHE B 294 8.33 23.97 -13.93
C PHE B 294 8.70 22.93 -14.99
N GLU B 295 7.80 22.68 -15.94
CA GLU B 295 8.11 21.69 -16.96
C GLU B 295 9.14 22.19 -17.96
N THR B 296 9.86 21.26 -18.58
CA THR B 296 10.91 21.59 -19.53
C THR B 296 10.46 22.39 -20.76
N SER B 297 9.17 22.39 -21.08
CA SER B 297 8.67 23.16 -22.22
C SER B 297 8.73 24.67 -21.93
N GLY B 298 8.79 25.01 -20.64
CA GLY B 298 8.81 26.40 -20.22
C GLY B 298 7.49 26.80 -19.56
N ALA B 299 6.48 25.93 -19.62
CA ALA B 299 5.17 26.21 -19.02
C ALA B 299 5.20 26.00 -17.51
N ILE B 300 4.23 26.59 -16.83
CA ILE B 300 4.16 26.48 -15.37
C ILE B 300 2.80 25.94 -14.94
N ASN B 301 2.84 24.91 -14.11
CA ASN B 301 1.63 24.30 -13.60
C ASN B 301 1.53 24.50 -12.11
N ARG B 302 0.30 24.46 -11.60
CA ARG B 302 0.04 24.74 -10.19
C ARG B 302 -1.15 23.99 -9.61
N TYR B 303 -0.97 23.45 -8.40
CA TYR B 303 -2.05 22.82 -7.67
C TYR B 303 -1.90 23.19 -6.21
N TYR B 304 -3.00 23.12 -5.47
CA TYR B 304 -3.05 23.48 -4.07
C TYR B 304 -3.62 22.31 -3.31
N VAL B 305 -3.24 22.21 -2.04
CA VAL B 305 -3.78 21.17 -1.18
C VAL B 305 -4.21 21.79 0.13
N GLN B 306 -5.45 21.54 0.53
CA GLN B 306 -5.96 22.01 1.81
C GLN B 306 -6.81 20.93 2.43
N ASN B 307 -6.50 20.60 3.68
CA ASN B 307 -7.20 19.56 4.43
C ASN B 307 -7.24 18.24 3.67
N GLY B 308 -6.13 17.95 3.00
CA GLY B 308 -5.99 16.72 2.23
C GLY B 308 -6.73 16.65 0.91
N VAL B 309 -7.32 17.75 0.48
CA VAL B 309 -8.03 17.78 -0.79
C VAL B 309 -7.22 18.60 -1.80
N THR B 310 -7.03 18.03 -2.99
CA THR B 310 -6.24 18.65 -4.05
C THR B 310 -7.11 19.40 -5.04
N PHE B 311 -6.63 20.58 -5.39
CA PHE B 311 -7.32 21.42 -6.36
C PHE B 311 -6.28 21.95 -7.35
N GLN B 312 -6.47 21.63 -8.63
CA GLN B 312 -5.57 22.15 -9.64
C GLN B 312 -5.89 23.66 -9.77
N GLN B 313 -5.00 24.41 -10.38
CA GLN B 313 -5.21 25.83 -10.65
C GLN B 313 -6.55 25.85 -11.43
N PRO B 314 -7.52 26.69 -11.01
CA PRO B 314 -8.81 26.72 -11.73
C PRO B 314 -8.74 27.12 -13.20
N ASN B 315 -9.60 26.52 -14.00
CA ASN B 315 -9.65 26.82 -15.43
C ASN B 315 -10.02 28.26 -15.70
N ALA B 316 -9.41 28.80 -16.76
CA ALA B 316 -9.66 30.16 -17.19
C ALA B 316 -9.83 30.16 -18.69
N GLU B 317 -10.73 31.03 -19.14
CA GLU B 317 -11.00 31.22 -20.55
C GLU B 317 -10.70 32.70 -20.76
N LEU B 318 -9.77 32.97 -21.66
CA LEU B 318 -9.32 34.32 -21.92
C LEU B 318 -9.07 34.41 -23.42
N GLY B 319 -10.03 34.96 -24.14
CA GLY B 319 -9.93 35.07 -25.59
C GLY B 319 -9.94 33.66 -26.15
N SER B 320 -8.90 33.36 -26.93
CA SER B 320 -8.73 32.05 -27.57
C SER B 320 -8.10 31.01 -26.64
N TYR B 321 -7.77 31.40 -25.41
CA TYR B 321 -7.17 30.48 -24.46
C TYR B 321 -8.20 29.89 -23.52
N SER B 322 -7.98 28.62 -23.20
CA SER B 322 -8.80 27.88 -22.25
C SER B 322 -7.85 26.87 -21.60
N GLY B 323 -7.89 26.81 -20.28
CA GLY B 323 -7.02 25.89 -19.56
C GLY B 323 -6.58 26.42 -18.21
N ASN B 324 -5.71 25.65 -17.56
CA ASN B 324 -5.20 26.01 -16.24
C ASN B 324 -3.67 26.05 -16.16
N GLU B 325 -3.03 26.04 -17.31
CA GLU B 325 -1.58 26.06 -17.38
C GLU B 325 -1.02 27.43 -17.84
N LEU B 326 -0.01 27.94 -17.14
CA LEU B 326 0.60 29.20 -17.53
C LEU B 326 1.61 28.86 -18.64
N ASN B 327 1.19 29.09 -19.88
CA ASN B 327 2.00 28.77 -21.03
C ASN B 327 2.03 29.95 -22.01
N ASP B 328 2.69 29.75 -23.14
CA ASP B 328 2.80 30.78 -24.18
C ASP B 328 1.45 31.28 -24.66
N ASP B 329 0.49 30.39 -24.86
CA ASP B 329 -0.83 30.77 -25.35
C ASP B 329 -1.55 31.66 -24.34
N TYR B 330 -1.42 31.31 -23.06
CA TYR B 330 -2.02 32.10 -21.98
C TYR B 330 -1.42 33.50 -21.96
N CYS B 331 -0.10 33.60 -21.95
CA CYS B 331 0.57 34.90 -21.92
C CYS B 331 0.28 35.79 -23.12
N THR B 332 0.10 35.17 -24.28
CA THR B 332 -0.23 35.86 -25.52
C THR B 332 -1.67 36.38 -25.47
N ALA B 333 -2.58 35.54 -24.97
CA ALA B 333 -3.99 35.89 -24.83
C ALA B 333 -4.18 36.99 -23.80
N GLU B 334 -3.38 36.93 -22.73
CA GLU B 334 -3.44 37.92 -21.67
C GLU B 334 -3.06 39.30 -22.20
N GLU B 335 -1.97 39.37 -22.97
CA GLU B 335 -1.56 40.63 -23.55
C GLU B 335 -2.61 41.12 -24.55
N ALA B 336 -3.23 40.19 -25.30
CA ALA B 336 -4.25 40.55 -26.27
C ALA B 336 -5.55 41.06 -25.64
N GLU B 337 -5.92 40.52 -24.48
CA GLU B 337 -7.16 40.92 -23.84
C GLU B 337 -7.05 42.04 -22.80
N PHE B 338 -5.99 41.99 -22.01
CA PHE B 338 -5.78 42.99 -20.97
C PHE B 338 -4.85 44.11 -21.43
N GLY B 339 -4.13 43.91 -22.53
CA GLY B 339 -3.20 44.94 -23.00
C GLY B 339 -1.76 44.72 -22.55
N GLY B 340 -0.85 45.50 -23.14
CA GLY B 340 0.55 45.38 -22.80
C GLY B 340 1.37 44.55 -23.77
N SER B 341 2.67 44.80 -23.76
CA SER B 341 3.60 44.07 -24.62
C SER B 341 4.95 43.84 -23.95
N SER B 342 5.02 44.19 -22.67
CA SER B 342 6.23 44.08 -21.86
C SER B 342 6.79 42.65 -21.77
N PHE B 343 5.94 41.70 -21.43
CA PHE B 343 6.33 40.30 -21.29
C PHE B 343 6.88 39.73 -22.60
N SER B 344 6.13 39.92 -23.67
CA SER B 344 6.56 39.41 -24.97
C SER B 344 7.78 40.14 -25.52
N ASP B 345 7.89 41.44 -25.28
CA ASP B 345 9.05 42.16 -25.79
C ASP B 345 10.33 41.74 -25.06
N LYS B 346 10.19 41.22 -23.84
CA LYS B 346 11.36 40.76 -23.09
C LYS B 346 11.74 39.30 -23.38
N GLY B 347 11.02 38.68 -24.33
CA GLY B 347 11.32 37.30 -24.70
C GLY B 347 10.34 36.24 -24.24
N GLY B 348 9.38 36.62 -23.42
CA GLY B 348 8.39 35.69 -22.93
C GLY B 348 8.92 34.51 -22.14
N LEU B 349 8.21 33.39 -22.21
CA LEU B 349 8.61 32.20 -21.48
C LEU B 349 9.91 31.55 -21.98
N THR B 350 10.25 31.80 -23.25
CA THR B 350 11.47 31.25 -23.83
C THR B 350 12.68 31.91 -23.19
N GLN B 351 12.65 33.24 -23.07
CA GLN B 351 13.72 33.97 -22.41
C GLN B 351 13.72 33.63 -20.92
N PHE B 352 12.53 33.47 -20.34
CA PHE B 352 12.44 33.16 -18.92
C PHE B 352 13.03 31.80 -18.61
N LYS B 353 13.00 30.91 -19.60
CA LYS B 353 13.52 29.57 -19.40
C LYS B 353 15.02 29.58 -19.10
N LYS B 354 15.72 30.61 -19.58
CA LYS B 354 17.15 30.77 -19.34
C LYS B 354 17.42 31.02 -17.86
N ALA B 355 16.48 31.68 -17.19
CA ALA B 355 16.61 31.94 -15.76
C ALA B 355 16.38 30.67 -14.95
N THR B 356 15.30 29.94 -15.24
CA THR B 356 14.98 28.71 -14.50
C THR B 356 15.97 27.58 -14.75
N SER B 357 16.69 27.67 -15.87
CA SER B 357 17.70 26.68 -16.21
C SER B 357 18.95 26.93 -15.37
N GLY B 358 19.10 28.16 -14.87
CA GLY B 358 20.24 28.52 -14.04
C GLY B 358 19.87 28.50 -12.57
N GLY B 359 20.75 29.05 -11.74
CA GLY B 359 20.48 29.08 -10.32
C GLY B 359 19.71 30.34 -9.94
N MET B 360 18.82 30.19 -8.97
CA MET B 360 18.04 31.32 -8.46
C MET B 360 18.00 31.22 -6.95
N VAL B 361 18.02 32.38 -6.30
CA VAL B 361 17.99 32.45 -4.83
C VAL B 361 16.54 32.63 -4.32
N LEU B 362 16.19 31.92 -3.25
CA LEU B 362 14.87 31.99 -2.64
C LEU B 362 14.77 33.22 -1.74
N VAL B 363 13.71 33.98 -1.93
CA VAL B 363 13.41 35.20 -1.16
C VAL B 363 12.05 35.05 -0.47
N MET B 364 11.97 35.48 0.79
CA MET B 364 10.71 35.49 1.54
C MET B 364 10.59 36.88 2.14
N SER B 365 9.46 37.54 1.90
CA SER B 365 9.26 38.90 2.39
C SER B 365 7.84 39.25 2.80
N LEU B 366 7.73 40.37 3.52
CA LEU B 366 6.44 40.92 3.95
C LEU B 366 6.60 42.41 3.76
N TRP B 367 5.73 42.98 2.94
CA TRP B 367 5.76 44.40 2.66
C TRP B 367 4.43 45.03 2.33
N ASP B 368 4.38 46.35 2.52
CA ASP B 368 3.23 47.15 2.12
C ASP B 368 3.76 47.99 0.95
N ASP B 369 2.85 48.58 0.20
CA ASP B 369 3.20 49.27 -1.04
C ASP B 369 3.00 50.78 -1.04
N TYR B 370 4.11 51.52 -0.97
CA TYR B 370 4.08 52.98 -0.98
C TYR B 370 3.77 53.60 -2.34
N TYR B 371 3.87 52.81 -3.40
CA TYR B 371 3.57 53.32 -4.74
C TYR B 371 2.10 53.17 -5.15
N ALA B 372 1.57 51.96 -5.08
CA ALA B 372 0.20 51.69 -5.50
C ALA B 372 -0.74 51.03 -4.49
N ASN B 373 -0.35 51.09 -3.21
CA ASN B 373 -1.16 50.55 -2.11
C ASN B 373 -1.65 49.09 -2.24
N MET B 374 -0.93 48.29 -3.05
CA MET B 374 -1.24 46.88 -3.32
C MET B 374 -2.56 46.69 -4.08
N LEU B 375 -3.05 47.76 -4.69
CA LEU B 375 -4.32 47.71 -5.44
C LEU B 375 -4.22 46.80 -6.67
N TRP B 376 -3.02 46.71 -7.24
CA TRP B 376 -2.73 45.86 -8.39
C TRP B 376 -2.93 44.38 -8.04
N LEU B 377 -2.79 44.04 -6.76
CA LEU B 377 -2.96 42.66 -6.31
C LEU B 377 -4.35 42.29 -5.84
N ASP B 378 -4.95 43.17 -5.08
CA ASP B 378 -6.23 42.85 -4.47
C ASP B 378 -7.42 43.78 -4.64
N SER B 379 -7.39 44.72 -5.58
CA SER B 379 -8.51 45.63 -5.71
C SER B 379 -8.74 45.88 -7.20
N THR B 380 -9.29 47.03 -7.55
CA THR B 380 -9.51 47.40 -8.95
C THR B 380 -8.38 48.37 -9.28
N TYR B 381 -7.60 48.06 -10.31
CA TYR B 381 -6.47 48.90 -10.68
C TYR B 381 -6.33 49.02 -12.20
N PRO B 382 -6.26 50.25 -12.73
CA PRO B 382 -6.31 51.53 -12.04
C PRO B 382 -7.68 51.77 -11.37
N THR B 383 -7.70 52.63 -10.36
CA THR B 383 -8.92 52.90 -9.59
C THR B 383 -10.06 53.61 -10.31
N ASN B 384 -9.76 54.14 -11.49
CA ASN B 384 -10.76 54.81 -12.32
C ASN B 384 -11.49 53.83 -13.23
N GLU B 385 -11.01 52.59 -13.25
CA GLU B 385 -11.61 51.56 -14.06
C GLU B 385 -12.81 50.93 -13.39
N THR B 386 -13.59 50.26 -14.23
CA THR B 386 -14.80 49.57 -13.81
C THR B 386 -14.63 48.06 -14.03
N SER B 387 -15.57 47.28 -13.49
CA SER B 387 -15.57 45.82 -13.63
C SER B 387 -15.70 45.41 -15.11
N SER B 388 -16.20 46.33 -15.94
CA SER B 388 -16.38 46.08 -17.36
C SER B 388 -15.05 46.13 -18.13
N THR B 389 -14.00 46.67 -17.50
CA THR B 389 -12.70 46.71 -18.16
C THR B 389 -12.01 45.37 -17.91
N PRO B 390 -11.58 44.70 -18.99
CA PRO B 390 -10.90 43.40 -18.88
C PRO B 390 -9.66 43.44 -17.99
N GLY B 391 -9.71 42.63 -16.94
CA GLY B 391 -8.62 42.52 -16.00
C GLY B 391 -8.45 43.62 -14.97
N ALA B 392 -9.39 44.57 -14.90
CA ALA B 392 -9.29 45.65 -13.93
C ALA B 392 -9.49 45.18 -12.50
N VAL B 393 -10.43 44.26 -12.30
CA VAL B 393 -10.72 43.77 -10.96
C VAL B 393 -9.84 42.56 -10.60
N ARG B 394 -9.01 42.73 -9.58
CA ARG B 394 -8.08 41.70 -9.14
C ARG B 394 -8.41 41.11 -7.77
N GLY B 395 -9.30 41.78 -7.05
CA GLY B 395 -9.69 41.34 -5.72
C GLY B 395 -10.85 42.15 -5.20
N SER B 396 -11.32 41.82 -4.01
CA SER B 396 -12.45 42.49 -3.39
C SER B 396 -12.16 43.70 -2.49
N CYS B 397 -10.89 44.02 -2.29
CA CYS B 397 -10.51 45.17 -1.47
C CYS B 397 -10.95 46.49 -2.09
N SER B 398 -11.33 47.42 -1.22
CA SER B 398 -11.75 48.74 -1.66
C SER B 398 -10.59 49.43 -2.34
N THR B 399 -10.87 50.31 -3.29
CA THR B 399 -9.82 51.06 -3.96
C THR B 399 -9.19 52.08 -3.00
N SER B 400 -9.74 52.19 -1.79
CA SER B 400 -9.23 53.10 -0.75
C SER B 400 -8.34 52.34 0.25
N SER B 401 -8.17 51.04 0.05
CA SER B 401 -7.36 50.21 0.95
C SER B 401 -5.86 50.34 0.74
N GLY B 402 -5.14 49.75 1.70
CA GLY B 402 -3.70 49.71 1.63
C GLY B 402 -2.85 50.95 1.81
N VAL B 403 -3.37 52.03 2.40
CA VAL B 403 -2.53 53.21 2.64
C VAL B 403 -1.52 52.72 3.68
N PRO B 404 -0.20 52.77 3.36
CA PRO B 404 0.81 52.28 4.30
C PRO B 404 0.72 52.76 5.75
N ALA B 405 0.61 54.06 5.95
CA ALA B 405 0.52 54.62 7.29
C ALA B 405 -0.69 54.09 8.04
N GLN B 406 -1.78 53.87 7.32
CA GLN B 406 -3.01 53.35 7.91
C GLN B 406 -2.90 51.87 8.29
N VAL B 407 -2.46 51.01 7.37
CA VAL B 407 -2.32 49.60 7.71
C VAL B 407 -1.22 49.34 8.78
N GLU B 408 -0.21 50.19 8.82
CA GLU B 408 0.85 50.06 9.82
C GLU B 408 0.34 50.37 11.22
N SER B 409 -0.60 51.30 11.32
CA SER B 409 -1.16 51.66 12.63
C SER B 409 -2.36 50.77 12.99
N GLN B 410 -3.13 50.34 12.00
CA GLN B 410 -4.29 49.49 12.25
C GLN B 410 -3.97 48.01 12.39
N SER B 411 -3.03 47.51 11.61
CA SER B 411 -2.66 46.09 11.62
C SER B 411 -1.17 45.85 11.90
N PRO B 412 -0.60 46.46 12.95
CA PRO B 412 0.84 46.25 13.20
C PRO B 412 1.27 44.80 13.47
N ASN B 413 0.36 44.03 14.07
CA ASN B 413 0.61 42.65 14.41
C ASN B 413 0.34 41.63 13.30
N ALA B 414 0.13 42.10 12.08
CA ALA B 414 -0.07 41.20 10.95
C ALA B 414 1.21 40.41 10.76
N LYS B 415 1.10 39.20 10.21
CA LYS B 415 2.26 38.37 9.97
C LYS B 415 1.97 37.24 8.99
N VAL B 416 3.04 36.70 8.42
CA VAL B 416 2.93 35.58 7.49
C VAL B 416 3.85 34.48 7.98
N THR B 417 3.40 33.24 7.83
CA THR B 417 4.17 32.10 8.23
C THR B 417 4.33 31.15 7.06
N PHE B 418 5.57 30.95 6.65
CA PHE B 418 5.93 30.05 5.56
C PHE B 418 6.53 28.83 6.26
N SER B 419 6.12 27.63 5.88
CA SER B 419 6.67 26.43 6.49
C SER B 419 6.73 25.27 5.51
N ASN B 420 7.44 24.21 5.91
CA ASN B 420 7.51 22.97 5.13
C ASN B 420 7.85 23.08 3.63
N ILE B 421 8.97 23.74 3.36
CA ILE B 421 9.48 23.91 2.01
C ILE B 421 10.03 22.57 1.54
N LYS B 422 9.58 22.15 0.36
CA LYS B 422 10.02 20.89 -0.25
C LYS B 422 10.36 21.21 -1.70
N PHE B 423 11.43 20.60 -2.20
CA PHE B 423 11.89 20.85 -3.55
C PHE B 423 12.47 19.55 -4.14
N GLY B 424 12.19 19.30 -5.42
CA GLY B 424 12.70 18.11 -6.07
C GLY B 424 12.08 17.97 -7.44
N PRO B 425 12.33 16.86 -8.15
CA PRO B 425 11.74 16.64 -9.47
C PRO B 425 10.21 16.70 -9.46
N ILE B 426 9.62 17.05 -10.60
CA ILE B 426 8.17 17.10 -10.75
C ILE B 426 7.59 15.73 -10.33
N GLY B 427 6.55 15.78 -9.50
CA GLY B 427 5.90 14.58 -8.99
C GLY B 427 6.54 14.01 -7.73
N SER B 428 7.58 14.66 -7.20
CA SER B 428 8.24 14.11 -6.02
C SER B 428 7.99 14.68 -4.64
N THR B 429 7.57 15.94 -4.55
CA THR B 429 7.38 16.58 -3.24
C THR B 429 6.21 16.14 -2.38
N GLY B 430 5.27 15.40 -2.96
CA GLY B 430 4.15 14.91 -2.18
C GLY B 430 4.50 13.65 -1.40
N ASN B 431 5.73 13.16 -1.58
CA ASN B 431 6.20 11.95 -0.90
C ASN B 431 6.65 12.25 0.53
N PRO B 432 6.73 11.21 1.39
CA PRO B 432 7.16 11.38 2.78
C PRO B 432 8.48 12.10 3.03
N SER B 433 8.41 13.09 3.93
CA SER B 433 9.55 13.90 4.34
C SER B 433 10.53 13.15 5.22
N GLY B 434 11.80 13.51 5.10
CA GLY B 434 12.88 12.92 5.87
C GLY B 434 13.08 13.49 7.26
#